data_2Z9V
#
_entry.id   2Z9V
#
_cell.length_a   68.628
_cell.length_b   68.628
_cell.length_c   312.191
_cell.angle_alpha   90.00
_cell.angle_beta   90.00
_cell.angle_gamma   90.00
#
_symmetry.space_group_name_H-M   'P 43 21 2'
#
loop_
_entity.id
_entity.type
_entity.pdbx_description
1 polymer 'Aspartate aminotransferase'
2 non-polymer 'SULFATE ION'
3 non-polymer 4-(AMINOMETHYL)-5-(HYDROXYMETHYL)-2-METHYLPYRIDIN-3-OL
4 non-polymer GLYCEROL
5 water water
#
_entity_poly.entity_id   1
_entity_poly.type   'polypeptide(L)'
_entity_poly.pdbx_seq_one_letter_code
;MRYPEHADPVITLTAGPVNAYPEVLRGLGRTVLYDYDPAFQLLYEKVVDKAQKAMRLSNKPVILHGEPVLGLEAAAASLI
SPDDVVLNLASGVYGKGFGYWAKRYSPHLLEIEVPYNEAIDPQAVADMLKAHPEITVVSVCHHDTPSGTINPIDAIGALV
SAHGAYLIVDAVSSFGGMKTHPEDCKADIYVTGPNKCLGAPPGLTMMGVSERAWAKMKANPLAPRASMLSIVDWENAWSR
DKPFPFTPSVSEINGLDVALDLYLNEGPEAVWARHALTAKAMRAGVTAMGLSVWAASDSIASPTTTAVRTPDGVDEKALR
QAARARYGVVFSSGRGETLGKLTRIGHMGPTAQPIYAIAALTALGGAMNAAGRKLAIGKGIEAALAVIDADA
;
_entity_poly.pdbx_strand_id   A,B
#
loop_
_chem_comp.id
_chem_comp.type
_chem_comp.name
_chem_comp.formula
GOL non-polymer GLYCEROL 'C3 H8 O3'
PXM non-polymer 4-(AMINOMETHYL)-5-(HYDROXYMETHYL)-2-METHYLPYRIDIN-3-OL 'C8 H12 N2 O2'
SO4 non-polymer 'SULFATE ION' 'O4 S -2'
#
# COMPACT_ATOMS: atom_id res chain seq x y z
N MET A 1 -15.34 13.17 -34.18
CA MET A 1 -15.06 13.62 -32.77
C MET A 1 -13.78 13.00 -32.26
N ARG A 2 -13.22 13.62 -31.22
CA ARG A 2 -12.01 13.12 -30.58
C ARG A 2 -12.13 13.23 -29.06
N TYR A 3 -11.58 12.23 -28.37
CA TYR A 3 -11.52 12.23 -26.90
C TYR A 3 -10.19 12.84 -26.48
N PRO A 4 -10.26 13.93 -25.68
CA PRO A 4 -9.02 14.55 -25.19
C PRO A 4 -8.26 13.62 -24.23
N GLU A 5 -6.94 13.74 -24.25
CA GLU A 5 -6.06 12.95 -23.38
C GLU A 5 -6.32 13.20 -21.90
N HIS A 6 -6.70 14.43 -21.55
CA HIS A 6 -6.92 14.84 -20.16
CA HIS A 6 -6.90 14.83 -20.16
C HIS A 6 -8.24 14.34 -19.60
N ALA A 7 -9.19 14.06 -20.48
CA ALA A 7 -10.52 13.59 -20.08
C ALA A 7 -10.54 12.09 -19.89
N ASP A 8 -11.47 11.61 -19.06
CA ASP A 8 -11.64 10.17 -18.79
C ASP A 8 -11.95 9.40 -20.08
N PRO A 9 -11.51 8.13 -20.17
CA PRO A 9 -11.87 7.41 -21.39
C PRO A 9 -13.29 6.82 -21.26
N VAL A 10 -13.74 6.17 -22.33
CA VAL A 10 -15.06 5.54 -22.33
C VAL A 10 -14.95 4.12 -21.77
N ILE A 11 -14.02 3.33 -22.29
CA ILE A 11 -13.80 1.96 -21.80
C ILE A 11 -12.31 1.68 -21.67
N THR A 12 -11.88 1.30 -20.47
CA THR A 12 -10.50 0.89 -20.22
C THR A 12 -10.41 -0.63 -20.38
N LEU A 13 -9.73 -1.05 -21.44
CA LEU A 13 -9.62 -2.46 -21.78
C LEU A 13 -8.16 -2.90 -21.74
N THR A 14 -7.46 -2.43 -20.72
CA THR A 14 -6.04 -2.71 -20.52
C THR A 14 -5.84 -4.05 -19.80
N ALA A 15 -4.58 -4.46 -19.65
CA ALA A 15 -4.22 -5.62 -18.82
C ALA A 15 -4.04 -5.24 -17.34
N GLY A 16 -4.66 -4.13 -16.93
CA GLY A 16 -4.70 -3.73 -15.51
C GLY A 16 -3.73 -2.61 -15.15
N PRO A 17 -4.15 -1.67 -14.29
CA PRO A 17 -5.50 -1.53 -13.73
C PRO A 17 -6.58 -1.32 -14.78
N VAL A 18 -7.73 -1.92 -14.52
CA VAL A 18 -8.97 -1.60 -15.23
C VAL A 18 -9.90 -0.95 -14.20
N ASN A 19 -11.02 -0.38 -14.62
CA ASN A 19 -11.96 0.13 -13.59
C ASN A 19 -12.44 -1.02 -12.71
N ALA A 20 -12.50 -0.78 -11.40
CA ALA A 20 -12.93 -1.83 -10.48
C ALA A 20 -14.40 -2.17 -10.71
N TYR A 21 -14.82 -3.36 -10.28
CA TYR A 21 -16.25 -3.66 -10.25
C TYR A 21 -17.00 -2.54 -9.52
N PRO A 22 -18.20 -2.18 -9.99
CA PRO A 22 -18.92 -1.06 -9.35
C PRO A 22 -19.15 -1.32 -7.85
N GLU A 23 -19.40 -2.57 -7.48
CA GLU A 23 -19.60 -2.93 -6.07
C GLU A 23 -18.32 -2.68 -5.24
N VAL A 24 -17.17 -2.92 -5.88
CA VAL A 24 -15.89 -2.70 -5.22
C VAL A 24 -15.69 -1.19 -5.02
N LEU A 25 -15.98 -0.39 -6.04
CA LEU A 25 -15.94 1.08 -5.89
C LEU A 25 -16.77 1.57 -4.71
N ARG A 26 -17.99 1.03 -4.57
CA ARG A 26 -18.84 1.38 -3.41
C ARG A 26 -18.22 0.85 -2.11
N GLY A 27 -17.67 -0.36 -2.17
CA GLY A 27 -17.06 -1.00 -1.00
C GLY A 27 -15.86 -0.23 -0.46
N LEU A 28 -15.11 0.39 -1.37
CA LEU A 28 -13.95 1.21 -0.98
C LEU A 28 -14.38 2.40 -0.14
N GLY A 29 -15.66 2.77 -0.27
CA GLY A 29 -16.24 3.85 0.52
C GLY A 29 -16.94 3.46 1.80
N ARG A 30 -16.81 2.18 2.19
CA ARG A 30 -17.33 1.72 3.49
C ARG A 30 -16.65 2.43 4.66
N THR A 31 -17.31 2.40 5.82
CA THR A 31 -16.74 2.98 7.04
C THR A 31 -15.31 2.52 7.24
N VAL A 32 -14.44 3.46 7.55
CA VAL A 32 -13.06 3.15 7.93
C VAL A 32 -13.05 3.03 9.46
N LEU A 33 -12.94 1.80 9.94
CA LEU A 33 -12.88 1.58 11.38
C LEU A 33 -11.45 1.71 11.90
N TYR A 34 -11.32 2.01 13.20
CA TYR A 34 -10.05 1.87 13.88
C TYR A 34 -9.59 0.41 13.72
N ASP A 35 -8.31 0.21 13.44
CA ASP A 35 -7.83 -1.15 13.20
C ASP A 35 -7.89 -2.08 14.44
N TYR A 36 -7.92 -1.47 15.63
CA TYR A 36 -8.10 -2.24 16.86
C TYR A 36 -9.54 -2.24 17.41
N ASP A 37 -10.47 -1.71 16.63
CA ASP A 37 -11.88 -1.84 16.94
C ASP A 37 -12.24 -3.31 16.78
N PRO A 38 -13.01 -3.87 17.74
CA PRO A 38 -13.35 -5.29 17.62
C PRO A 38 -14.09 -5.66 16.33
N ALA A 39 -14.88 -4.73 15.78
CA ALA A 39 -15.61 -5.00 14.54
C ALA A 39 -14.64 -5.11 13.36
N PHE A 40 -13.57 -4.32 13.38
CA PHE A 40 -12.56 -4.45 12.34
C PHE A 40 -11.72 -5.72 12.50
N GLN A 41 -11.38 -6.07 13.75
CA GLN A 41 -10.60 -7.27 14.01
C GLN A 41 -11.38 -8.49 13.49
N LEU A 42 -12.68 -8.49 13.72
CA LEU A 42 -13.53 -9.58 13.20
C LEU A 42 -13.56 -9.56 11.68
N LEU A 43 -13.79 -8.37 11.09
CA LEU A 43 -13.82 -8.22 9.62
C LEU A 43 -12.56 -8.74 8.96
N TYR A 44 -11.40 -8.29 9.47
CA TYR A 44 -10.11 -8.72 8.93
C TYR A 44 -10.00 -10.24 8.94
N GLU A 45 -10.38 -10.87 10.06
CA GLU A 45 -10.32 -12.32 10.16
C GLU A 45 -11.21 -12.97 9.10
N LYS A 46 -12.39 -12.39 8.91
CA LYS A 46 -13.38 -12.90 7.94
CA LYS A 46 -13.34 -12.94 7.95
C LYS A 46 -12.85 -12.75 6.52
N VAL A 47 -12.14 -11.64 6.27
CA VAL A 47 -11.56 -11.41 4.94
C VAL A 47 -10.49 -12.46 4.63
N VAL A 48 -9.64 -12.76 5.61
CA VAL A 48 -8.65 -13.84 5.46
C VAL A 48 -9.34 -15.18 5.16
N ASP A 49 -10.44 -15.45 5.87
CA ASP A 49 -11.24 -16.68 5.66
CA ASP A 49 -11.21 -16.68 5.65
C ASP A 49 -11.79 -16.77 4.24
N LYS A 50 -12.29 -15.65 3.73
CA LYS A 50 -12.84 -15.59 2.38
C LYS A 50 -11.74 -15.81 1.37
N ALA A 51 -10.57 -15.20 1.62
CA ALA A 51 -9.42 -15.39 0.77
C ALA A 51 -8.98 -16.86 0.76
N GLN A 52 -8.99 -17.49 1.94
CA GLN A 52 -8.64 -18.91 2.04
C GLN A 52 -9.59 -19.75 1.19
N LYS A 53 -10.88 -19.43 1.27
CA LYS A 53 -11.88 -20.18 0.51
C LYS A 53 -11.65 -19.98 -0.99
N ALA A 54 -11.47 -18.73 -1.40
CA ALA A 54 -11.26 -18.43 -2.81
C ALA A 54 -10.01 -19.12 -3.36
N MET A 55 -8.95 -19.21 -2.54
CA MET A 55 -7.69 -19.80 -2.98
C MET A 55 -7.64 -21.32 -2.78
N ARG A 56 -8.76 -21.90 -2.31
CA ARG A 56 -8.86 -23.35 -1.99
C ARG A 56 -7.71 -23.81 -1.09
N LEU A 57 -7.35 -22.96 -0.13
CA LEU A 57 -6.18 -23.18 0.70
C LEU A 57 -6.49 -24.01 1.93
N SER A 58 -5.55 -24.90 2.29
CA SER A 58 -5.67 -25.73 3.48
C SER A 58 -5.29 -24.97 4.75
N ASN A 59 -4.57 -23.86 4.59
CA ASN A 59 -4.19 -23.02 5.71
C ASN A 59 -4.45 -21.56 5.36
N LYS A 60 -4.17 -20.63 6.28
CA LYS A 60 -4.54 -19.24 6.02
C LYS A 60 -3.59 -18.57 5.04
N PRO A 61 -4.14 -17.83 4.05
CA PRO A 61 -3.28 -17.00 3.21
C PRO A 61 -2.87 -15.80 4.03
N VAL A 62 -1.73 -15.22 3.68
CA VAL A 62 -1.29 -13.99 4.32
C VAL A 62 -1.66 -12.82 3.42
N ILE A 63 -2.30 -11.81 4.00
CA ILE A 63 -2.50 -10.55 3.27
C ILE A 63 -1.37 -9.60 3.66
N LEU A 64 -0.64 -9.09 2.65
CA LEU A 64 0.38 -8.06 2.90
C LEU A 64 -0.09 -6.72 2.35
N HIS A 65 0.38 -5.63 2.94
CA HIS A 65 -0.26 -4.34 2.67
C HIS A 65 0.50 -3.47 1.69
N GLY A 66 0.75 -4.08 0.55
CA GLY A 66 1.31 -3.41 -0.62
C GLY A 66 0.87 -4.24 -1.79
N GLU A 67 0.98 -3.68 -2.98
CA GLU A 67 0.60 -4.44 -4.16
CA GLU A 67 0.66 -4.40 -4.21
C GLU A 67 1.61 -5.59 -4.35
N PRO A 68 1.25 -6.59 -5.17
CA PRO A 68 2.02 -7.84 -5.22
C PRO A 68 3.52 -7.83 -5.45
N VAL A 69 4.09 -6.75 -6.01
CA VAL A 69 5.56 -6.66 -6.02
C VAL A 69 6.13 -6.87 -4.62
N LEU A 70 5.39 -6.43 -3.61
CA LEU A 70 5.80 -6.62 -2.22
C LEU A 70 5.91 -8.09 -1.86
N GLY A 71 4.87 -8.85 -2.20
CA GLY A 71 4.88 -10.29 -1.94
C GLY A 71 6.03 -11.01 -2.62
N LEU A 72 6.30 -10.66 -3.88
CA LEU A 72 7.37 -11.29 -4.64
C LEU A 72 8.76 -10.98 -4.05
N GLU A 73 9.02 -9.70 -3.76
CA GLU A 73 10.28 -9.33 -3.11
C GLU A 73 10.42 -9.99 -1.73
N ALA A 74 9.34 -9.97 -0.94
CA ALA A 74 9.34 -10.56 0.40
C ALA A 74 9.59 -12.07 0.35
N ALA A 75 9.01 -12.72 -0.65
CA ALA A 75 9.19 -14.18 -0.82
C ALA A 75 10.65 -14.50 -1.10
N ALA A 76 11.26 -13.74 -2.03
CA ALA A 76 12.69 -13.91 -2.30
C ALA A 76 13.53 -13.66 -1.04
N ALA A 77 13.24 -12.57 -0.35
CA ALA A 77 14.02 -12.20 0.83
C ALA A 77 13.92 -13.19 1.98
N SER A 78 12.79 -13.90 2.04
CA SER A 78 12.48 -14.77 3.18
C SER A 78 12.79 -16.24 2.89
N LEU A 79 12.48 -16.69 1.67
CA LEU A 79 12.59 -18.12 1.35
C LEU A 79 13.94 -18.50 0.73
N ILE A 80 14.69 -17.51 0.25
CA ILE A 80 15.98 -17.77 -0.41
C ILE A 80 17.08 -17.37 0.56
N SER A 81 17.81 -18.39 1.04
CA SER A 81 18.97 -18.20 1.93
C SER A 81 20.26 -18.24 1.11
N PRO A 82 21.38 -17.74 1.66
CA PRO A 82 22.58 -17.68 0.83
C PRO A 82 23.13 -19.01 0.33
N ASP A 83 22.72 -20.13 0.95
CA ASP A 83 23.20 -21.45 0.52
CA ASP A 83 23.18 -21.45 0.54
C ASP A 83 22.19 -22.17 -0.37
N ASP A 84 21.04 -21.55 -0.60
CA ASP A 84 20.09 -22.10 -1.56
C ASP A 84 20.64 -22.06 -2.99
N VAL A 85 20.22 -23.01 -3.82
CA VAL A 85 20.52 -22.92 -5.24
C VAL A 85 19.19 -22.71 -5.96
N VAL A 86 19.07 -21.58 -6.63
CA VAL A 86 17.77 -21.16 -7.20
C VAL A 86 17.75 -21.42 -8.69
N LEU A 87 16.68 -22.08 -9.16
CA LEU A 87 16.40 -22.16 -10.59
C LEU A 87 15.26 -21.19 -10.93
N ASN A 88 15.59 -20.13 -11.67
CA ASN A 88 14.58 -19.19 -12.12
C ASN A 88 14.10 -19.53 -13.53
N LEU A 89 12.80 -19.49 -13.73
CA LEU A 89 12.23 -19.74 -15.04
C LEU A 89 11.73 -18.44 -15.65
N ALA A 90 12.23 -18.11 -16.83
CA ALA A 90 11.95 -16.83 -17.46
C ALA A 90 11.41 -16.97 -18.89
N SER A 91 10.13 -16.61 -19.07
CA SER A 91 9.51 -16.55 -20.39
C SER A 91 8.96 -15.15 -20.69
N GLY A 92 9.38 -14.18 -19.90
CA GLY A 92 8.95 -12.81 -20.12
C GLY A 92 9.56 -11.89 -19.10
N VAL A 93 9.05 -10.66 -19.10
CA VAL A 93 9.62 -9.57 -18.31
C VAL A 93 9.62 -9.85 -16.79
N TYR A 94 8.49 -10.31 -16.28
CA TYR A 94 8.37 -10.60 -14.85
C TYR A 94 9.18 -11.81 -14.40
N GLY A 95 9.15 -12.89 -15.20
CA GLY A 95 9.91 -14.08 -14.88
C GLY A 95 11.40 -13.75 -14.82
N LYS A 96 11.88 -13.06 -15.85
CA LYS A 96 13.28 -12.66 -15.89
C LYS A 96 13.59 -11.74 -14.72
N GLY A 97 12.68 -10.81 -14.46
CA GLY A 97 12.83 -9.86 -13.33
C GLY A 97 13.05 -10.53 -12.00
N PHE A 98 12.35 -11.64 -11.77
CA PHE A 98 12.44 -12.30 -10.46
C PHE A 98 13.86 -12.78 -10.17
N GLY A 99 14.55 -13.22 -11.21
CA GLY A 99 15.94 -13.71 -11.06
C GLY A 99 16.85 -12.68 -10.42
N TYR A 100 16.57 -11.40 -10.66
CA TYR A 100 17.37 -10.33 -10.05
C TYR A 100 17.19 -10.27 -8.56
N TRP A 101 15.97 -10.51 -8.09
CA TRP A 101 15.71 -10.62 -6.66
C TRP A 101 16.30 -11.90 -6.07
N ALA A 102 16.22 -13.01 -6.81
CA ALA A 102 16.83 -14.23 -6.32
C ALA A 102 18.34 -14.03 -6.09
N LYS A 103 19.01 -13.41 -7.05
CA LYS A 103 20.46 -13.18 -6.96
C LYS A 103 20.83 -12.24 -5.81
N ARG A 104 19.88 -11.39 -5.42
CA ARG A 104 20.07 -10.56 -4.24
C ARG A 104 20.25 -11.38 -2.94
N TYR A 105 19.62 -12.56 -2.88
CA TYR A 105 19.55 -13.34 -1.64
C TYR A 105 20.36 -14.63 -1.66
N SER A 106 20.75 -15.05 -2.86
CA SER A 106 21.70 -16.15 -3.03
C SER A 106 22.55 -15.95 -4.27
N PRO A 107 23.86 -16.20 -4.16
CA PRO A 107 24.73 -16.04 -5.32
C PRO A 107 24.56 -17.19 -6.32
N HIS A 108 23.84 -18.24 -5.92
CA HIS A 108 23.68 -19.45 -6.75
C HIS A 108 22.38 -19.39 -7.54
N LEU A 109 22.50 -19.02 -8.81
CA LEU A 109 21.35 -18.87 -9.69
C LEU A 109 21.53 -19.61 -11.01
N LEU A 110 20.62 -20.54 -11.27
CA LEU A 110 20.49 -21.17 -12.59
C LEU A 110 19.22 -20.64 -13.25
N GLU A 111 19.19 -20.63 -14.57
CA GLU A 111 18.01 -20.11 -15.27
C GLU A 111 17.67 -20.86 -16.55
N ILE A 112 16.38 -21.06 -16.79
CA ILE A 112 15.86 -21.47 -18.09
C ILE A 112 15.11 -20.27 -18.65
N GLU A 113 15.53 -19.81 -19.81
CA GLU A 113 14.91 -18.67 -20.47
C GLU A 113 14.47 -19.05 -21.87
N VAL A 114 13.26 -18.65 -22.24
CA VAL A 114 12.72 -18.84 -23.59
C VAL A 114 12.34 -17.48 -24.17
N PRO A 115 12.18 -17.40 -25.51
CA PRO A 115 11.68 -16.16 -26.12
C PRO A 115 10.38 -15.67 -25.48
N TYR A 116 10.19 -14.35 -25.53
CA TYR A 116 9.10 -13.71 -24.78
C TYR A 116 7.72 -13.80 -25.44
N ASN A 117 7.55 -14.76 -26.36
CA ASN A 117 6.22 -15.15 -26.79
C ASN A 117 6.01 -16.65 -26.64
N GLU A 118 6.96 -17.32 -25.97
CA GLU A 118 6.89 -18.76 -25.75
C GLU A 118 6.66 -19.08 -24.29
N ALA A 119 6.44 -20.37 -24.01
CA ALA A 119 6.24 -20.85 -22.65
C ALA A 119 7.38 -21.79 -22.24
N ILE A 120 7.60 -21.90 -20.94
CA ILE A 120 8.56 -22.86 -20.39
C ILE A 120 8.05 -24.28 -20.63
N ASP A 121 8.95 -25.14 -21.11
CA ASP A 121 8.65 -26.57 -21.33
C ASP A 121 8.90 -27.33 -20.03
N PRO A 122 7.87 -27.99 -19.48
CA PRO A 122 8.08 -28.76 -18.26
C PRO A 122 9.22 -29.76 -18.43
N GLN A 123 9.39 -30.30 -19.64
CA GLN A 123 10.47 -31.25 -19.85
C GLN A 123 11.84 -30.61 -19.69
N ALA A 124 11.98 -29.36 -20.12
CA ALA A 124 13.23 -28.60 -19.91
C ALA A 124 13.50 -28.42 -18.41
N VAL A 125 12.44 -28.22 -17.64
CA VAL A 125 12.55 -28.09 -16.18
C VAL A 125 13.03 -29.41 -15.59
N ALA A 126 12.42 -30.50 -16.03
CA ALA A 126 12.81 -31.83 -15.58
C ALA A 126 14.28 -32.12 -15.92
N ASP A 127 14.68 -31.78 -17.14
CA ASP A 127 16.06 -32.02 -17.60
C ASP A 127 17.05 -31.23 -16.74
N MET A 128 16.68 -29.99 -16.43
CA MET A 128 17.54 -29.12 -15.61
C MET A 128 17.67 -29.64 -14.17
N LEU A 129 16.55 -30.07 -13.59
CA LEU A 129 16.54 -30.61 -12.23
C LEU A 129 17.38 -31.88 -12.13
N LYS A 130 17.37 -32.69 -13.20
CA LYS A 130 18.23 -33.88 -13.24
C LYS A 130 19.71 -33.48 -13.32
N ALA A 131 20.02 -32.50 -14.17
CA ALA A 131 21.39 -32.02 -14.35
C ALA A 131 21.93 -31.34 -13.08
N HIS A 132 21.03 -30.75 -12.32
CA HIS A 132 21.39 -29.97 -11.15
C HIS A 132 20.62 -30.38 -9.89
N PRO A 133 20.96 -31.54 -9.32
CA PRO A 133 20.29 -32.02 -8.13
C PRO A 133 20.44 -31.09 -6.92
N GLU A 134 21.35 -30.13 -7.02
CA GLU A 134 21.62 -29.21 -5.90
C GLU A 134 20.56 -28.11 -5.78
N ILE A 135 19.69 -28.01 -6.77
CA ILE A 135 18.59 -27.01 -6.77
C ILE A 135 17.67 -27.19 -5.57
N THR A 136 17.40 -26.10 -4.86
CA THR A 136 16.55 -26.15 -3.67
C THR A 136 15.30 -25.26 -3.76
N VAL A 137 15.35 -24.26 -4.65
CA VAL A 137 14.24 -23.32 -4.85
C VAL A 137 14.06 -23.07 -6.34
N VAL A 138 12.80 -23.09 -6.80
CA VAL A 138 12.46 -22.81 -8.19
C VAL A 138 11.41 -21.71 -8.20
N SER A 139 11.61 -20.75 -9.08
CA SER A 139 10.65 -19.64 -9.25
C SER A 139 10.09 -19.61 -10.67
N VAL A 140 8.79 -19.34 -10.77
CA VAL A 140 8.08 -19.31 -12.05
C VAL A 140 6.96 -18.27 -12.02
N CYS A 141 6.69 -17.71 -13.19
CA CYS A 141 5.58 -16.78 -13.41
C CYS A 141 4.48 -17.49 -14.19
N HIS A 142 3.25 -17.45 -13.69
CA HIS A 142 2.13 -18.12 -14.36
C HIS A 142 1.68 -17.42 -15.64
N HIS A 143 1.29 -16.15 -15.51
CA HIS A 143 0.94 -15.33 -16.65
C HIS A 143 1.94 -14.18 -16.67
N ASP A 144 2.88 -14.21 -17.60
CA ASP A 144 3.84 -13.10 -17.69
C ASP A 144 3.18 -12.00 -18.50
N THR A 145 2.49 -11.11 -17.80
CA THR A 145 1.47 -10.24 -18.38
C THR A 145 1.90 -9.46 -19.64
N PRO A 146 3.11 -8.85 -19.63
CA PRO A 146 3.59 -8.12 -20.81
C PRO A 146 3.73 -8.96 -22.09
N SER A 147 3.58 -10.29 -21.96
CA SER A 147 3.61 -11.21 -23.10
C SER A 147 2.26 -11.85 -23.38
N GLY A 148 1.35 -11.79 -22.41
CA GLY A 148 0.03 -12.42 -22.59
C GLY A 148 0.11 -13.93 -22.80
N THR A 149 1.12 -14.54 -22.19
CA THR A 149 1.34 -15.99 -22.31
C THR A 149 1.33 -16.66 -20.94
N ILE A 150 1.04 -17.97 -20.95
CA ILE A 150 0.87 -18.78 -19.75
C ILE A 150 1.90 -19.90 -19.69
N ASN A 151 2.51 -20.08 -18.52
CA ASN A 151 3.35 -21.25 -18.23
C ASN A 151 2.56 -22.37 -17.56
N PRO A 152 2.93 -23.63 -17.89
CA PRO A 152 2.25 -24.79 -17.30
C PRO A 152 2.72 -25.06 -15.85
N ILE A 153 2.25 -24.24 -14.91
CA ILE A 153 2.78 -24.25 -13.55
C ILE A 153 2.42 -25.50 -12.73
N ASP A 154 1.31 -26.14 -13.06
CA ASP A 154 0.96 -27.36 -12.33
C ASP A 154 1.92 -28.48 -12.68
N ALA A 155 2.21 -28.66 -13.97
CA ALA A 155 3.17 -29.68 -14.39
C ALA A 155 4.55 -29.36 -13.85
N ILE A 156 4.92 -28.07 -13.90
CA ILE A 156 6.22 -27.65 -13.40
C ILE A 156 6.27 -27.90 -11.89
N GLY A 157 5.21 -27.53 -11.16
CA GLY A 157 5.15 -27.72 -9.70
C GLY A 157 5.29 -29.16 -9.29
N ALA A 158 4.69 -30.06 -10.07
CA ALA A 158 4.82 -31.49 -9.78
C ALA A 158 6.29 -31.95 -9.84
N LEU A 159 7.04 -31.41 -10.80
CA LEU A 159 8.44 -31.79 -10.99
C LEU A 159 9.32 -31.18 -9.91
N VAL A 160 9.02 -29.94 -9.52
CA VAL A 160 9.75 -29.31 -8.43
C VAL A 160 9.58 -30.09 -7.12
N SER A 161 8.35 -30.51 -6.84
CA SER A 161 8.04 -31.32 -5.68
C SER A 161 8.78 -32.66 -5.76
N ALA A 162 8.77 -33.28 -6.95
CA ALA A 162 9.51 -34.54 -7.18
C ALA A 162 11.01 -34.43 -6.84
N HIS A 163 11.55 -33.22 -6.96
CA HIS A 163 12.96 -32.97 -6.63
C HIS A 163 13.19 -32.39 -5.25
N GLY A 164 12.13 -32.33 -4.44
CA GLY A 164 12.24 -31.90 -3.04
C GLY A 164 12.54 -30.42 -2.88
N ALA A 165 12.31 -29.65 -3.93
CA ALA A 165 12.63 -28.22 -3.93
C ALA A 165 11.40 -27.39 -3.59
N TYR A 166 11.62 -26.15 -3.15
CA TYR A 166 10.53 -25.20 -2.88
C TYR A 166 10.11 -24.49 -4.16
N LEU A 167 8.83 -24.18 -4.27
CA LEU A 167 8.31 -23.50 -5.46
C LEU A 167 7.74 -22.13 -5.10
N ILE A 168 8.25 -21.10 -5.78
CA ILE A 168 7.65 -19.75 -5.70
C ILE A 168 6.91 -19.47 -7.01
N VAL A 169 5.62 -19.13 -6.89
CA VAL A 169 4.77 -18.86 -8.06
C VAL A 169 4.24 -17.44 -8.05
N ASP A 170 4.43 -16.73 -9.16
CA ASP A 170 3.79 -15.43 -9.39
C ASP A 170 2.51 -15.73 -10.17
N ALA A 171 1.36 -15.63 -9.50
CA ALA A 171 0.07 -15.74 -10.19
C ALA A 171 -0.74 -14.44 -10.09
N VAL A 172 -0.02 -13.31 -10.12
CA VAL A 172 -0.67 -12.01 -9.96
C VAL A 172 -1.76 -11.77 -11.02
N SER A 173 -1.49 -12.16 -12.27
CA SER A 173 -2.40 -11.80 -13.34
C SER A 173 -3.14 -13.00 -13.92
N SER A 174 -3.21 -14.08 -13.11
CA SER A 174 -3.93 -15.29 -13.49
C SER A 174 -4.98 -15.71 -12.46
N PHE A 175 -4.65 -15.59 -11.18
CA PHE A 175 -5.58 -16.05 -10.17
C PHE A 175 -6.92 -15.32 -10.31
N GLY A 176 -8.00 -16.09 -10.26
CA GLY A 176 -9.34 -15.55 -10.34
C GLY A 176 -9.85 -15.45 -11.78
N GLY A 177 -8.97 -15.63 -12.75
CA GLY A 177 -9.32 -15.54 -14.18
C GLY A 177 -9.23 -16.87 -14.91
N MET A 178 -8.75 -17.89 -14.20
CA MET A 178 -8.60 -19.25 -14.75
C MET A 178 -8.41 -20.19 -13.59
N LYS A 179 -8.48 -21.50 -13.85
CA LYS A 179 -8.29 -22.44 -12.75
C LYS A 179 -6.82 -22.47 -12.32
N THR A 180 -6.56 -21.91 -11.15
CA THR A 180 -5.23 -21.96 -10.53
C THR A 180 -5.35 -21.66 -9.05
N HIS A 181 -4.64 -22.44 -8.24
CA HIS A 181 -4.64 -22.32 -6.78
C HIS A 181 -3.31 -22.81 -6.27
N PRO A 182 -2.87 -22.32 -5.09
CA PRO A 182 -1.61 -22.81 -4.55
C PRO A 182 -1.47 -24.33 -4.60
N GLU A 183 -2.52 -25.04 -4.19
CA GLU A 183 -2.56 -26.52 -4.12
CA GLU A 183 -2.37 -26.48 -4.11
C GLU A 183 -2.35 -27.17 -5.49
N ASP A 184 -2.90 -26.54 -6.52
CA ASP A 184 -2.87 -27.12 -7.89
C ASP A 184 -1.47 -27.33 -8.40
N CYS A 185 -0.58 -26.38 -8.08
CA CYS A 185 0.79 -26.37 -8.55
C CYS A 185 1.78 -26.72 -7.44
N LYS A 186 1.28 -27.16 -6.29
CA LYS A 186 2.13 -27.51 -5.15
C LYS A 186 3.09 -26.37 -4.80
N ALA A 187 2.54 -25.16 -4.75
CA ALA A 187 3.34 -23.97 -4.41
C ALA A 187 3.70 -23.91 -2.94
N ASP A 188 4.91 -23.44 -2.67
CA ASP A 188 5.33 -23.15 -1.32
C ASP A 188 5.06 -21.68 -0.98
N ILE A 189 5.35 -20.79 -1.93
CA ILE A 189 4.84 -19.41 -1.87
C ILE A 189 4.10 -19.09 -3.17
N TYR A 190 2.85 -18.68 -3.05
CA TYR A 190 2.00 -18.39 -4.20
C TYR A 190 1.52 -16.97 -4.05
N VAL A 191 2.00 -16.09 -4.93
CA VAL A 191 1.73 -14.67 -4.78
C VAL A 191 0.70 -14.20 -5.81
N THR A 192 -0.37 -13.59 -5.31
CA THR A 192 -1.33 -12.94 -6.19
C THR A 192 -1.84 -11.68 -5.53
N GLY A 193 -2.85 -11.06 -6.16
CA GLY A 193 -3.46 -9.84 -5.62
C GLY A 193 -4.81 -9.67 -6.27
N PRO A 194 -5.62 -8.74 -5.74
CA PRO A 194 -6.96 -8.57 -6.29
C PRO A 194 -7.05 -7.56 -7.42
N ASN A 195 -5.90 -7.05 -7.87
CA ASN A 195 -5.87 -5.91 -8.80
C ASN A 195 -5.80 -6.26 -10.28
N LYS A 196 -5.92 -7.55 -10.60
CA LYS A 196 -6.01 -7.96 -11.99
C LYS A 196 -7.40 -8.60 -12.19
N CYS A 197 -7.50 -9.92 -12.23
CA CYS A 197 -8.77 -10.58 -12.49
C CYS A 197 -9.88 -10.39 -11.43
N LEU A 198 -9.52 -10.10 -10.18
CA LEU A 198 -10.54 -9.96 -9.15
C LEU A 198 -11.25 -8.60 -9.14
N GLY A 199 -10.75 -7.64 -9.92
CA GLY A 199 -11.52 -6.40 -10.15
C GLY A 199 -11.47 -5.37 -9.02
N ALA A 200 -10.38 -5.40 -8.25
CA ALA A 200 -10.11 -4.40 -7.21
C ALA A 200 -8.90 -3.53 -7.63
N PRO A 201 -8.72 -2.37 -6.99
CA PRO A 201 -7.53 -1.56 -7.31
C PRO A 201 -6.25 -2.14 -6.69
N PRO A 202 -5.09 -1.60 -7.09
CA PRO A 202 -3.82 -2.06 -6.52
C PRO A 202 -3.65 -1.60 -5.08
N GLY A 203 -3.05 -2.46 -4.25
CA GLY A 203 -2.78 -2.09 -2.86
C GLY A 203 -2.51 -3.24 -1.93
N LEU A 204 -2.99 -4.44 -2.29
CA LEU A 204 -2.90 -5.58 -1.40
C LEU A 204 -2.29 -6.81 -2.09
N THR A 205 -1.66 -7.64 -1.28
CA THR A 205 -1.11 -8.93 -1.73
C THR A 205 -1.84 -10.04 -1.04
N MET A 206 -2.13 -11.10 -1.80
CA MET A 206 -2.70 -12.33 -1.25
C MET A 206 -1.69 -13.44 -1.46
N MET A 207 -1.20 -14.03 -0.36
CA MET A 207 -0.08 -14.97 -0.47
C MET A 207 -0.39 -16.32 0.18
N GLY A 208 -0.36 -17.38 -0.62
CA GLY A 208 -0.44 -18.73 -0.03
C GLY A 208 0.94 -19.16 0.41
N VAL A 209 1.04 -19.72 1.62
CA VAL A 209 2.32 -20.11 2.20
C VAL A 209 2.17 -21.53 2.73
N SER A 210 2.98 -22.45 2.21
CA SER A 210 2.89 -23.84 2.67
C SER A 210 3.48 -23.97 4.06
N GLU A 211 3.06 -25.00 4.80
CA GLU A 211 3.60 -25.22 6.14
C GLU A 211 5.12 -25.41 6.08
N ARG A 212 5.62 -26.04 5.01
N ARG A 212 5.59 -26.05 5.00
CA ARG A 212 7.08 -26.23 4.83
CA ARG A 212 7.01 -26.25 4.75
C ARG A 212 7.78 -24.89 4.58
C ARG A 212 7.72 -24.90 4.61
N ALA A 213 7.12 -24.00 3.83
CA ALA A 213 7.65 -22.65 3.62
C ALA A 213 7.69 -21.87 4.95
N TRP A 214 6.65 -22.02 5.78
CA TRP A 214 6.62 -21.37 7.10
C TRP A 214 7.83 -21.78 7.95
N ALA A 215 8.10 -23.09 7.98
CA ALA A 215 9.21 -23.64 8.74
C ALA A 215 10.54 -23.07 8.25
N LYS A 216 10.72 -23.04 6.94
CA LYS A 216 11.96 -22.57 6.33
C LYS A 216 12.19 -21.09 6.66
N MET A 217 11.16 -20.26 6.49
CA MET A 217 11.31 -18.82 6.73
C MET A 217 11.56 -18.49 8.19
N LYS A 218 10.83 -19.15 9.08
CA LYS A 218 10.94 -18.87 10.52
CA LYS A 218 10.93 -18.89 10.52
C LYS A 218 12.31 -19.28 11.05
N ALA A 219 12.91 -20.30 10.45
CA ALA A 219 14.27 -20.75 10.82
C ALA A 219 15.38 -19.95 10.12
N ASN A 220 15.00 -19.04 9.22
CA ASN A 220 15.94 -18.21 8.49
C ASN A 220 16.13 -16.88 9.21
N PRO A 221 17.32 -16.67 9.84
CA PRO A 221 17.48 -15.46 10.64
C PRO A 221 17.61 -14.21 9.77
N LEU A 222 17.87 -14.39 8.48
CA LEU A 222 17.93 -13.28 7.52
C LEU A 222 16.57 -12.86 6.94
N ALA A 223 15.54 -13.65 7.17
CA ALA A 223 14.19 -13.33 6.65
C ALA A 223 13.79 -11.99 7.26
N PRO A 224 13.30 -11.05 6.44
CA PRO A 224 12.90 -9.76 7.01
C PRO A 224 11.93 -9.86 8.21
N ARG A 225 12.27 -9.09 9.25
CA ARG A 225 11.47 -8.94 10.46
C ARG A 225 11.55 -7.46 10.81
N ALA A 226 10.48 -6.92 11.42
CA ALA A 226 10.38 -5.47 11.67
C ALA A 226 10.64 -4.72 10.36
N SER A 227 9.87 -5.06 9.33
CA SER A 227 10.13 -4.58 7.98
C SER A 227 8.88 -4.70 7.13
N MET A 228 8.68 -3.76 6.22
CA MET A 228 7.62 -3.88 5.21
C MET A 228 7.76 -5.18 4.43
N LEU A 229 9.00 -5.66 4.30
CA LEU A 229 9.27 -6.90 3.59
C LEU A 229 9.01 -8.17 4.41
N SER A 230 8.55 -8.04 5.65
CA SER A 230 8.37 -9.23 6.50
C SER A 230 7.09 -9.98 6.17
N ILE A 231 7.24 -11.28 5.85
CA ILE A 231 6.11 -12.19 5.83
C ILE A 231 5.89 -12.77 7.23
N VAL A 232 6.98 -13.17 7.89
CA VAL A 232 6.83 -13.87 9.16
C VAL A 232 6.14 -13.05 10.25
N ASP A 233 6.36 -11.74 10.25
CA ASP A 233 5.69 -10.88 11.24
C ASP A 233 4.16 -10.90 11.11
N TRP A 234 3.65 -11.26 9.94
CA TRP A 234 2.20 -11.29 9.69
C TRP A 234 1.57 -12.66 9.91
N GLU A 235 2.38 -13.63 10.35
CA GLU A 235 1.92 -15.03 10.55
C GLU A 235 0.59 -15.19 11.27
N ASN A 236 0.41 -14.47 12.38
CA ASN A 236 -0.80 -14.60 13.21
C ASN A 236 -1.76 -13.39 13.14
N ALA A 237 -1.47 -12.45 12.25
CA ALA A 237 -2.22 -11.19 12.19
C ALA A 237 -3.66 -11.37 11.70
N TRP A 238 -3.96 -12.52 11.11
CA TRP A 238 -5.32 -12.84 10.67
C TRP A 238 -6.28 -12.90 11.86
N SER A 239 -5.76 -13.24 13.03
CA SER A 239 -6.59 -13.50 14.22
C SER A 239 -7.10 -12.23 14.88
N ARG A 240 -8.41 -12.17 15.13
CA ARG A 240 -9.05 -11.04 15.83
C ARG A 240 -8.43 -10.76 17.21
N ASP A 241 -7.73 -11.74 17.75
CA ASP A 241 -7.08 -11.64 19.07
C ASP A 241 -5.60 -11.25 19.01
N LYS A 242 -5.11 -10.88 17.83
CA LYS A 242 -3.71 -10.59 17.62
C LYS A 242 -3.55 -9.20 17.01
N PRO A 243 -2.40 -8.54 17.25
CA PRO A 243 -2.13 -7.22 16.70
C PRO A 243 -1.66 -7.26 15.25
N PHE A 244 -1.64 -6.08 14.63
CA PHE A 244 -1.13 -5.91 13.28
C PHE A 244 0.30 -5.40 13.37
N PRO A 245 1.25 -6.00 12.63
CA PRO A 245 2.62 -5.47 12.64
C PRO A 245 2.71 -3.96 12.33
N PHE A 246 1.92 -3.51 11.35
CA PHE A 246 1.72 -2.06 11.15
C PHE A 246 0.28 -1.88 10.68
N THR A 247 -0.13 -0.63 10.45
CA THR A 247 -1.54 -0.37 10.21
C THR A 247 -2.01 -0.91 8.85
N PRO A 248 -3.02 -1.80 8.86
CA PRO A 248 -3.50 -2.33 7.58
C PRO A 248 -4.22 -1.28 6.72
N SER A 249 -4.24 -1.50 5.41
CA SER A 249 -4.92 -0.60 4.47
C SER A 249 -6.43 -0.83 4.55
N VAL A 250 -7.04 -0.18 5.54
CA VAL A 250 -8.41 -0.47 5.92
C VAL A 250 -9.38 -0.37 4.73
N SER A 251 -9.26 0.67 3.91
CA SER A 251 -10.19 0.82 2.80
C SER A 251 -9.94 -0.25 1.74
N GLU A 252 -8.68 -0.59 1.51
CA GLU A 252 -8.36 -1.67 0.55
C GLU A 252 -8.91 -3.01 1.02
N ILE A 253 -8.92 -3.23 2.33
CA ILE A 253 -9.54 -4.42 2.92
C ILE A 253 -11.05 -4.45 2.64
N ASN A 254 -11.70 -3.28 2.77
CA ASN A 254 -13.12 -3.15 2.45
C ASN A 254 -13.36 -3.52 0.98
N GLY A 255 -12.49 -3.04 0.09
CA GLY A 255 -12.58 -3.39 -1.34
C GLY A 255 -12.38 -4.86 -1.60
N LEU A 256 -11.40 -5.45 -0.93
CA LEU A 256 -11.09 -6.87 -1.10
C LEU A 256 -12.24 -7.74 -0.60
N ASP A 257 -12.83 -7.35 0.53
CA ASP A 257 -13.99 -8.06 1.08
C ASP A 257 -15.09 -8.19 0.00
N VAL A 258 -15.40 -7.09 -0.69
CA VAL A 258 -16.40 -7.10 -1.74
C VAL A 258 -15.94 -7.92 -2.96
N ALA A 259 -14.70 -7.73 -3.39
CA ALA A 259 -14.16 -8.47 -4.53
C ALA A 259 -14.30 -9.99 -4.32
N LEU A 260 -13.94 -10.44 -3.12
CA LEU A 260 -14.04 -11.87 -2.80
C LEU A 260 -15.51 -12.35 -2.81
N ASP A 261 -16.39 -11.55 -2.22
CA ASP A 261 -17.84 -11.84 -2.24
C ASP A 261 -18.31 -12.04 -3.67
N LEU A 262 -17.91 -11.13 -4.57
CA LEU A 262 -18.41 -11.16 -5.94
C LEU A 262 -17.97 -12.45 -6.63
N TYR A 263 -16.69 -12.75 -6.47
CA TYR A 263 -16.08 -13.96 -7.05
C TYR A 263 -16.74 -15.22 -6.54
N LEU A 264 -16.84 -15.34 -5.23
CA LEU A 264 -17.43 -16.52 -4.60
C LEU A 264 -18.90 -16.67 -4.95
N ASN A 265 -19.62 -15.55 -4.99
CA ASN A 265 -21.04 -15.56 -5.29
C ASN A 265 -21.34 -15.93 -6.74
N GLU A 266 -20.55 -15.42 -7.68
CA GLU A 266 -20.75 -15.74 -9.09
C GLU A 266 -20.45 -17.21 -9.35
N GLY A 267 -19.46 -17.74 -8.62
CA GLY A 267 -18.96 -19.09 -8.85
C GLY A 267 -17.67 -19.04 -9.63
N PRO A 268 -16.55 -19.38 -8.98
CA PRO A 268 -15.23 -19.36 -9.64
C PRO A 268 -15.22 -20.02 -11.04
N GLU A 269 -15.79 -21.21 -11.16
CA GLU A 269 -15.82 -21.89 -12.46
C GLU A 269 -16.48 -21.03 -13.56
N ALA A 270 -17.59 -20.37 -13.22
CA ALA A 270 -18.28 -19.48 -14.16
C ALA A 270 -17.44 -18.24 -14.50
N VAL A 271 -16.76 -17.70 -13.48
CA VAL A 271 -15.85 -16.59 -13.70
C VAL A 271 -14.71 -16.99 -14.65
N TRP A 272 -14.08 -18.13 -14.42
CA TRP A 272 -13.02 -18.57 -15.32
C TRP A 272 -13.55 -18.75 -16.73
N ALA A 273 -14.75 -19.30 -16.86
CA ALA A 273 -15.31 -19.58 -18.19
C ALA A 273 -15.49 -18.32 -19.01
N ARG A 274 -15.97 -17.25 -18.39
CA ARG A 274 -16.15 -16.00 -19.15
C ARG A 274 -14.84 -15.29 -19.51
N HIS A 275 -13.82 -15.40 -18.65
CA HIS A 275 -12.47 -14.92 -19.01
C HIS A 275 -12.01 -15.67 -20.29
N ALA A 276 -12.00 -17.01 -20.21
CA ALA A 276 -11.54 -17.83 -21.34
C ALA A 276 -12.32 -17.56 -22.64
N LEU A 277 -13.64 -17.40 -22.53
CA LEU A 277 -14.46 -17.14 -23.72
C LEU A 277 -14.19 -15.78 -24.34
N THR A 278 -14.11 -14.75 -23.49
CA THR A 278 -13.77 -13.42 -23.97
C THR A 278 -12.44 -13.42 -24.72
N ALA A 279 -11.43 -14.07 -24.13
CA ALA A 279 -10.11 -14.15 -24.74
C ALA A 279 -10.15 -14.95 -26.06
N LYS A 280 -10.86 -16.07 -26.04
CA LYS A 280 -10.99 -16.92 -27.22
C LYS A 280 -11.63 -16.16 -28.38
N ALA A 281 -12.70 -15.42 -28.08
CA ALA A 281 -13.35 -14.58 -29.08
C ALA A 281 -12.40 -13.51 -29.61
N MET A 282 -11.66 -12.88 -28.69
CA MET A 282 -10.69 -11.86 -29.05
C MET A 282 -9.64 -12.39 -30.03
N ARG A 283 -9.05 -13.53 -29.71
CA ARG A 283 -8.02 -14.13 -30.57
C ARG A 283 -8.58 -14.46 -31.95
N ALA A 284 -9.78 -15.04 -31.98
CA ALA A 284 -10.43 -15.38 -33.24
C ALA A 284 -10.65 -14.13 -34.09
N GLY A 285 -11.06 -13.03 -33.44
CA GLY A 285 -11.26 -11.77 -34.14
C GLY A 285 -9.98 -11.15 -34.68
N VAL A 286 -8.93 -11.19 -33.85
CA VAL A 286 -7.62 -10.67 -34.21
C VAL A 286 -7.12 -11.36 -35.49
N THR A 287 -7.16 -12.67 -35.48
CA THR A 287 -6.68 -13.46 -36.61
C THR A 287 -7.54 -13.24 -37.86
N ALA A 288 -8.86 -13.26 -37.68
CA ALA A 288 -9.78 -13.10 -38.81
C ALA A 288 -9.64 -11.75 -39.53
N MET A 289 -9.32 -10.68 -38.79
CA MET A 289 -9.21 -9.37 -39.42
C MET A 289 -7.85 -9.16 -40.08
N GLY A 290 -6.94 -10.12 -39.87
CA GLY A 290 -5.62 -10.11 -40.52
C GLY A 290 -4.44 -9.71 -39.64
N LEU A 291 -4.66 -9.70 -38.32
CA LEU A 291 -3.59 -9.43 -37.35
C LEU A 291 -3.07 -10.73 -36.77
N SER A 292 -1.99 -10.65 -36.00
CA SER A 292 -1.39 -11.85 -35.39
CA SER A 292 -1.42 -11.86 -35.38
C SER A 292 -1.34 -11.76 -33.88
N VAL A 293 -1.81 -12.81 -33.23
CA VAL A 293 -1.65 -13.00 -31.80
C VAL A 293 -0.16 -13.21 -31.53
N TRP A 294 0.35 -12.52 -30.53
CA TRP A 294 1.76 -12.57 -30.18
C TRP A 294 2.24 -13.96 -29.76
N ALA A 295 1.50 -14.65 -28.87
CA ALA A 295 1.85 -15.99 -28.39
C ALA A 295 2.25 -16.93 -29.51
N ALA A 296 3.30 -17.71 -29.26
CA ALA A 296 3.86 -18.63 -30.26
C ALA A 296 2.85 -19.68 -30.71
N SER A 297 1.95 -20.04 -29.80
CA SER A 297 0.84 -20.93 -30.10
C SER A 297 -0.41 -20.47 -29.38
N ASP A 298 -1.56 -20.77 -29.96
CA ASP A 298 -2.84 -20.47 -29.30
C ASP A 298 -2.95 -21.11 -27.92
N SER A 299 -2.37 -22.30 -27.78
CA SER A 299 -2.48 -23.06 -26.54
C SER A 299 -1.87 -22.37 -25.32
N ILE A 300 -0.89 -21.50 -25.55
CA ILE A 300 -0.25 -20.80 -24.43
C ILE A 300 -0.73 -19.35 -24.26
N ALA A 301 -1.69 -18.93 -25.10
CA ALA A 301 -2.26 -17.58 -24.97
C ALA A 301 -3.07 -17.47 -23.69
N SER A 302 -2.91 -16.35 -22.97
CA SER A 302 -3.60 -16.19 -21.69
C SER A 302 -5.10 -15.95 -21.87
N PRO A 303 -5.91 -16.58 -21.00
CA PRO A 303 -7.35 -16.28 -21.00
C PRO A 303 -7.69 -14.94 -20.34
N THR A 304 -6.66 -14.22 -19.90
CA THR A 304 -6.89 -12.96 -19.17
C THR A 304 -6.26 -11.75 -19.86
N THR A 305 -5.52 -11.99 -20.93
CA THR A 305 -4.92 -10.92 -21.74
C THR A 305 -4.62 -11.43 -23.13
N THR A 306 -5.00 -10.66 -24.14
CA THR A 306 -4.60 -10.95 -25.51
C THR A 306 -3.56 -9.93 -25.97
N ALA A 307 -2.36 -10.43 -26.27
CA ALA A 307 -1.30 -9.61 -26.82
C ALA A 307 -1.32 -9.77 -28.34
N VAL A 308 -1.30 -8.63 -29.04
CA VAL A 308 -1.39 -8.58 -30.49
C VAL A 308 -0.10 -7.98 -31.05
N ARG A 309 0.58 -8.74 -31.90
CA ARG A 309 1.87 -8.31 -32.49
C ARG A 309 1.69 -7.05 -33.33
N THR A 310 2.57 -6.05 -33.12
CA THR A 310 2.54 -4.83 -33.93
C THR A 310 3.06 -5.11 -35.34
N PRO A 311 2.23 -4.83 -36.37
CA PRO A 311 2.68 -5.00 -37.76
C PRO A 311 3.90 -4.12 -38.07
N ASP A 312 4.74 -4.57 -38.99
CA ASP A 312 5.88 -3.78 -39.43
C ASP A 312 5.42 -2.45 -39.98
N GLY A 313 6.09 -1.38 -39.56
CA GLY A 313 5.77 -0.04 -40.03
C GLY A 313 4.75 0.69 -39.19
N VAL A 314 4.09 -0.01 -38.27
CA VAL A 314 3.09 0.59 -37.39
C VAL A 314 3.72 1.06 -36.08
N ASP A 315 3.43 2.30 -35.72
CA ASP A 315 3.90 2.92 -34.48
C ASP A 315 2.91 2.51 -33.38
N GLU A 316 3.36 1.64 -32.48
CA GLU A 316 2.44 1.03 -31.49
C GLU A 316 1.89 2.07 -30.50
N LYS A 317 2.72 3.02 -30.11
CA LYS A 317 2.30 4.10 -29.23
C LYS A 317 1.25 4.94 -29.91
N ALA A 318 1.50 5.31 -31.18
CA ALA A 318 0.52 6.10 -31.94
C ALA A 318 -0.80 5.34 -32.10
N LEU A 319 -0.71 4.02 -32.26
CA LEU A 319 -1.87 3.16 -32.37
C LEU A 319 -2.76 3.26 -31.12
N ARG A 320 -2.15 3.13 -29.94
CA ARG A 320 -2.91 3.20 -28.69
C ARG A 320 -3.48 4.59 -28.51
N GLN A 321 -2.69 5.59 -28.87
CA GLN A 321 -3.16 6.98 -28.80
C GLN A 321 -4.40 7.19 -29.67
N ALA A 322 -4.37 6.59 -30.86
CA ALA A 322 -5.50 6.73 -31.80
C ALA A 322 -6.74 5.97 -31.35
N ALA A 323 -6.57 4.76 -30.80
CA ALA A 323 -7.71 3.98 -30.27
C ALA A 323 -8.43 4.77 -29.19
N ARG A 324 -7.65 5.44 -28.34
CA ARG A 324 -8.26 6.23 -27.26
C ARG A 324 -8.89 7.52 -27.80
N ALA A 325 -8.17 8.22 -28.68
CA ALA A 325 -8.63 9.51 -29.17
C ALA A 325 -9.84 9.37 -30.08
N ARG A 326 -9.88 8.30 -30.89
CA ARG A 326 -10.96 8.08 -31.83
C ARG A 326 -12.19 7.41 -31.22
N TYR A 327 -11.96 6.42 -30.36
CA TYR A 327 -13.06 5.55 -29.89
C TYR A 327 -13.20 5.52 -28.37
N GLY A 328 -12.29 6.18 -27.65
CA GLY A 328 -12.38 6.23 -26.19
C GLY A 328 -11.99 4.94 -25.51
N VAL A 329 -11.28 4.06 -26.22
CA VAL A 329 -10.91 2.76 -25.71
C VAL A 329 -9.40 2.71 -25.41
N VAL A 330 -9.06 2.27 -24.19
CA VAL A 330 -7.68 2.25 -23.73
C VAL A 330 -7.14 0.83 -23.72
N PHE A 331 -5.98 0.63 -24.36
CA PHE A 331 -5.25 -0.64 -24.31
C PHE A 331 -3.92 -0.46 -23.59
N SER A 332 -3.30 -1.57 -23.21
CA SER A 332 -1.95 -1.53 -22.62
C SER A 332 -0.85 -1.61 -23.66
N SER A 333 0.25 -0.92 -23.39
CA SER A 333 1.46 -1.16 -24.14
C SER A 333 2.08 -2.46 -23.70
N GLY A 334 3.20 -2.83 -24.32
CA GLY A 334 4.09 -3.84 -23.76
C GLY A 334 4.88 -3.26 -22.58
N ARG A 335 5.86 -4.02 -22.11
CA ARG A 335 6.74 -3.58 -21.03
CA ARG A 335 6.75 -3.58 -21.04
C ARG A 335 8.14 -4.14 -21.32
N GLY A 336 9.18 -3.39 -20.96
CA GLY A 336 10.54 -3.87 -21.22
C GLY A 336 10.70 -4.33 -22.66
N GLU A 337 11.17 -5.56 -22.84
CA GLU A 337 11.45 -6.09 -24.18
CA GLU A 337 11.42 -6.17 -24.15
C GLU A 337 10.22 -6.11 -25.11
N THR A 338 9.02 -6.18 -24.56
CA THR A 338 7.82 -6.20 -25.43
C THR A 338 7.28 -4.81 -25.74
N LEU A 339 7.83 -3.78 -25.10
CA LEU A 339 7.38 -2.42 -25.35
C LEU A 339 7.64 -2.06 -26.82
N GLY A 340 6.61 -1.55 -27.47
CA GLY A 340 6.70 -1.18 -28.88
C GLY A 340 6.48 -2.34 -29.85
N LYS A 341 6.42 -3.56 -29.32
CA LYS A 341 6.35 -4.72 -30.19
CA LYS A 341 6.37 -4.80 -30.11
C LYS A 341 4.97 -5.37 -30.22
N LEU A 342 4.12 -5.01 -29.24
CA LEU A 342 2.77 -5.56 -29.15
C LEU A 342 1.84 -4.60 -28.43
N THR A 343 0.54 -4.88 -28.54
CA THR A 343 -0.50 -4.16 -27.82
C THR A 343 -1.27 -5.20 -27.02
N ARG A 344 -1.67 -4.84 -25.80
CA ARG A 344 -2.40 -5.81 -24.97
C ARG A 344 -3.81 -5.36 -24.66
N ILE A 345 -4.73 -6.30 -24.84
CA ILE A 345 -6.13 -6.13 -24.47
C ILE A 345 -6.41 -7.06 -23.28
N GLY A 346 -6.70 -6.48 -22.12
CA GLY A 346 -6.98 -7.30 -20.95
C GLY A 346 -8.39 -7.87 -20.99
N HIS A 347 -8.57 -9.04 -20.37
CA HIS A 347 -9.89 -9.60 -20.12
C HIS A 347 -9.84 -10.00 -18.67
N MET A 348 -10.24 -9.07 -17.81
CA MET A 348 -9.98 -9.18 -16.37
C MET A 348 -11.15 -8.70 -15.54
N GLY A 349 -11.72 -9.59 -14.75
CA GLY A 349 -12.83 -9.28 -13.86
C GLY A 349 -13.96 -8.59 -14.61
N PRO A 350 -14.22 -7.30 -14.30
CA PRO A 350 -15.32 -6.61 -14.97
C PRO A 350 -15.19 -6.55 -16.50
N THR A 351 -13.98 -6.56 -17.04
CA THR A 351 -13.80 -6.53 -18.50
C THR A 351 -13.78 -7.93 -19.15
N ALA A 352 -13.88 -8.98 -18.34
CA ALA A 352 -13.94 -10.35 -18.86
C ALA A 352 -15.38 -10.72 -19.24
N GLN A 353 -15.91 -9.98 -20.22
CA GLN A 353 -17.23 -10.23 -20.79
C GLN A 353 -17.06 -10.17 -22.30
N PRO A 354 -17.58 -11.18 -23.03
CA PRO A 354 -17.34 -11.21 -24.48
C PRO A 354 -17.71 -9.96 -25.27
N ILE A 355 -18.74 -9.23 -24.86
CA ILE A 355 -19.09 -7.99 -25.54
C ILE A 355 -17.92 -6.98 -25.54
N TYR A 356 -17.07 -7.04 -24.52
CA TYR A 356 -15.90 -6.15 -24.49
C TYR A 356 -14.84 -6.53 -25.52
N ALA A 357 -14.74 -7.83 -25.83
CA ALA A 357 -13.88 -8.25 -26.94
C ALA A 357 -14.32 -7.61 -28.24
N ILE A 358 -15.64 -7.52 -28.45
CA ILE A 358 -16.19 -6.90 -29.66
C ILE A 358 -15.79 -5.42 -29.73
N ALA A 359 -15.99 -4.69 -28.64
CA ALA A 359 -15.59 -3.29 -28.58
C ALA A 359 -14.09 -3.12 -28.83
N ALA A 360 -13.28 -3.94 -28.16
CA ALA A 360 -11.82 -3.94 -28.33
C ALA A 360 -11.41 -4.17 -29.77
N LEU A 361 -11.99 -5.18 -30.42
CA LEU A 361 -11.61 -5.53 -31.79
C LEU A 361 -11.89 -4.38 -32.74
N THR A 362 -13.03 -3.71 -32.51
CA THR A 362 -13.44 -2.60 -33.37
C THR A 362 -12.49 -1.41 -33.23
N ALA A 363 -12.14 -1.08 -31.99
CA ALA A 363 -11.23 0.04 -31.73
C ALA A 363 -9.81 -0.27 -32.23
N LEU A 364 -9.36 -1.51 -32.03
CA LEU A 364 -8.05 -1.96 -32.51
C LEU A 364 -7.99 -1.90 -34.03
N GLY A 365 -8.97 -2.54 -34.69
CA GLY A 365 -9.09 -2.47 -36.14
C GLY A 365 -9.17 -1.05 -36.68
N GLY A 366 -10.00 -0.23 -36.05
CA GLY A 366 -10.17 1.15 -36.48
C GLY A 366 -8.86 1.92 -36.44
N ALA A 367 -8.11 1.74 -35.35
CA ALA A 367 -6.83 2.42 -35.16
C ALA A 367 -5.80 1.88 -36.14
N MET A 368 -5.83 0.58 -36.39
CA MET A 368 -4.89 -0.05 -37.34
C MET A 368 -5.15 0.49 -38.74
N ASN A 369 -6.42 0.62 -39.10
CA ASN A 369 -6.76 1.12 -40.44
C ASN A 369 -6.42 2.60 -40.62
N ALA A 370 -6.54 3.36 -39.54
CA ALA A 370 -6.10 4.75 -39.50
C ALA A 370 -4.61 4.86 -39.74
N ALA A 371 -3.88 3.82 -39.32
CA ALA A 371 -2.43 3.73 -39.51
C ALA A 371 -2.05 3.15 -40.88
N GLY A 372 -3.04 2.97 -41.74
CA GLY A 372 -2.79 2.55 -43.13
C GLY A 372 -2.87 1.05 -43.36
N ARG A 373 -3.18 0.27 -42.32
CA ARG A 373 -3.43 -1.15 -42.52
C ARG A 373 -4.77 -1.28 -43.27
N LYS A 374 -5.03 -2.45 -43.81
CA LYS A 374 -6.28 -2.66 -44.54
C LYS A 374 -6.92 -3.92 -44.01
N LEU A 375 -7.28 -3.85 -42.73
CA LEU A 375 -7.83 -4.99 -42.02
C LEU A 375 -9.29 -5.24 -42.36
N ALA A 376 -9.69 -6.51 -42.32
CA ALA A 376 -11.09 -6.90 -42.53
C ALA A 376 -11.83 -6.88 -41.20
N ILE A 377 -12.22 -5.67 -40.77
CA ILE A 377 -12.76 -5.52 -39.41
C ILE A 377 -14.06 -6.30 -39.22
N GLY A 378 -14.97 -6.19 -40.17
CA GLY A 378 -16.25 -6.92 -40.14
C GLY A 378 -16.06 -8.42 -40.00
N LYS A 379 -15.11 -8.95 -40.77
CA LYS A 379 -14.74 -10.36 -40.68
C LYS A 379 -14.26 -10.74 -39.28
N GLY A 380 -13.49 -9.86 -38.66
CA GLY A 380 -13.01 -10.06 -37.29
C GLY A 380 -14.15 -10.12 -36.29
N ILE A 381 -15.04 -9.14 -36.34
CA ILE A 381 -16.22 -9.16 -35.47
C ILE A 381 -17.05 -10.44 -35.65
N GLU A 382 -17.27 -10.84 -36.90
CA GLU A 382 -18.06 -12.06 -37.14
C GLU A 382 -17.39 -13.32 -36.57
N ALA A 383 -16.07 -13.37 -36.65
CA ALA A 383 -15.31 -14.51 -36.13
C ALA A 383 -15.43 -14.58 -34.61
N ALA A 384 -15.30 -13.41 -33.98
CA ALA A 384 -15.46 -13.31 -32.53
C ALA A 384 -16.89 -13.69 -32.10
N LEU A 385 -17.88 -13.14 -32.81
CA LEU A 385 -19.27 -13.47 -32.55
C LEU A 385 -19.53 -14.97 -32.72
N ALA A 386 -18.92 -15.58 -33.74
CA ALA A 386 -19.05 -17.02 -33.96
C ALA A 386 -18.55 -17.84 -32.77
N VAL A 387 -17.44 -17.40 -32.16
CA VAL A 387 -16.94 -18.08 -30.96
C VAL A 387 -17.95 -17.97 -29.81
N ILE A 388 -18.49 -16.76 -29.62
CA ILE A 388 -19.46 -16.55 -28.54
C ILE A 388 -20.66 -17.45 -28.78
N ASP A 389 -21.17 -17.41 -30.00
CA ASP A 389 -22.40 -18.15 -30.33
C ASP A 389 -22.20 -19.66 -30.25
N ALA A 390 -20.99 -20.15 -30.49
CA ALA A 390 -20.71 -21.60 -30.44
C ALA A 390 -20.66 -22.14 -29.02
N ASP A 391 -20.48 -21.24 -28.05
CA ASP A 391 -20.46 -21.58 -26.64
C ASP A 391 -21.85 -21.45 -26.02
N ALA A 392 -22.78 -20.86 -26.76
CA ALA A 392 -24.09 -20.51 -26.19
C ALA A 392 -24.91 -21.75 -25.87
N MET B 1 -28.82 -0.31 27.50
CA MET B 1 -28.46 -0.90 26.17
C MET B 1 -26.97 -1.14 26.11
N ARG B 2 -26.56 -2.03 25.22
CA ARG B 2 -25.14 -2.31 25.00
C ARG B 2 -24.86 -2.42 23.51
N TYR B 3 -23.72 -1.89 23.08
CA TYR B 3 -23.28 -2.02 21.70
C TYR B 3 -22.47 -3.28 21.53
N PRO B 4 -22.92 -4.19 20.65
CA PRO B 4 -22.14 -5.41 20.48
C PRO B 4 -20.78 -5.16 19.81
N GLU B 5 -19.80 -5.98 20.19
CA GLU B 5 -18.45 -5.87 19.63
C GLU B 5 -18.41 -6.08 18.11
N HIS B 6 -19.28 -6.97 17.62
CA HIS B 6 -19.34 -7.31 16.20
C HIS B 6 -20.00 -6.22 15.37
N ALA B 7 -20.85 -5.40 16.01
CA ALA B 7 -21.54 -4.32 15.32
C ALA B 7 -20.65 -3.08 15.27
N ASP B 8 -20.88 -2.24 14.26
CA ASP B 8 -20.16 -0.97 14.10
C ASP B 8 -20.40 -0.03 15.28
N PRO B 9 -19.41 0.82 15.62
CA PRO B 9 -19.64 1.78 16.70
C PRO B 9 -20.41 3.02 16.20
N VAL B 10 -20.70 3.95 17.11
CA VAL B 10 -21.44 5.16 16.77
C VAL B 10 -20.46 6.25 16.36
N ILE B 11 -19.44 6.49 17.19
CA ILE B 11 -18.40 7.47 16.86
C ILE B 11 -17.03 6.92 17.19
N THR B 12 -16.16 6.96 16.18
CA THR B 12 -14.75 6.57 16.36
C THR B 12 -13.93 7.82 16.68
N LEU B 13 -13.49 7.91 17.93
CA LEU B 13 -12.74 9.06 18.40
C LEU B 13 -11.31 8.68 18.82
N THR B 14 -10.73 7.78 18.03
CA THR B 14 -9.37 7.27 18.23
C THR B 14 -8.31 8.26 17.71
N ALA B 15 -7.04 7.94 17.97
CA ALA B 15 -5.91 8.65 17.34
C ALA B 15 -5.55 8.09 15.96
N GLY B 16 -6.53 7.42 15.32
CA GLY B 16 -6.39 6.96 13.94
C GLY B 16 -6.06 5.49 13.82
N PRO B 17 -6.66 4.81 12.82
CA PRO B 17 -7.66 5.33 11.88
C PRO B 17 -8.93 5.84 12.54
N VAL B 18 -9.46 6.93 11.98
CA VAL B 18 -10.83 7.40 12.25
C VAL B 18 -11.58 7.27 10.94
N ASN B 19 -12.90 7.42 10.96
CA ASN B 19 -13.61 7.34 9.68
C ASN B 19 -13.12 8.46 8.78
N ALA B 20 -12.96 8.18 7.49
CA ALA B 20 -12.43 9.20 6.58
C ALA B 20 -13.49 10.29 6.40
N TYR B 21 -13.08 11.49 5.95
CA TYR B 21 -14.06 12.50 5.54
C TYR B 21 -15.04 11.85 4.55
N PRO B 22 -16.34 12.18 4.65
CA PRO B 22 -17.32 11.63 3.72
C PRO B 22 -16.93 11.84 2.26
N GLU B 23 -16.36 13.00 1.94
CA GLU B 23 -15.90 13.30 0.58
C GLU B 23 -14.80 12.34 0.14
N VAL B 24 -13.93 11.99 1.08
CA VAL B 24 -12.84 11.03 0.81
C VAL B 24 -13.40 9.64 0.54
N LEU B 25 -14.39 9.21 1.35
CA LEU B 25 -15.06 7.92 1.12
C LEU B 25 -15.63 7.86 -0.29
N ARG B 26 -16.29 8.95 -0.71
CA ARG B 26 -16.79 9.01 -2.09
C ARG B 26 -15.66 9.02 -3.12
N GLY B 27 -14.60 9.78 -2.81
CA GLY B 27 -13.41 9.87 -3.65
C GLY B 27 -12.74 8.52 -3.89
N LEU B 28 -12.74 7.68 -2.88
CA LEU B 28 -12.16 6.33 -3.00
C LEU B 28 -12.91 5.49 -4.05
N GLY B 29 -14.15 5.87 -4.33
CA GLY B 29 -14.98 5.20 -5.34
C GLY B 29 -14.95 5.82 -6.72
N ARG B 30 -14.03 6.76 -6.95
CA ARG B 30 -13.83 7.32 -8.28
C ARG B 30 -13.29 6.28 -9.25
N THR B 31 -13.46 6.53 -10.54
CA THR B 31 -12.90 5.66 -11.56
C THR B 31 -11.45 5.28 -11.28
N VAL B 32 -11.16 3.99 -11.41
CA VAL B 32 -9.81 3.48 -11.39
C VAL B 32 -9.33 3.44 -12.84
N LEU B 33 -8.44 4.38 -13.16
CA LEU B 33 -7.81 4.47 -14.48
C LEU B 33 -6.60 3.55 -14.57
N TYR B 34 -6.29 3.13 -15.78
CA TYR B 34 -5.02 2.51 -16.07
C TYR B 34 -3.92 3.50 -15.70
N ASP B 35 -2.86 3.02 -15.07
CA ASP B 35 -1.83 3.95 -14.57
C ASP B 35 -1.01 4.63 -15.66
N TYR B 36 -0.99 4.03 -16.85
CA TYR B 36 -0.35 4.65 -18.03
C TYR B 36 -1.34 5.38 -18.94
N ASP B 37 -2.60 5.49 -18.51
CA ASP B 37 -3.57 6.33 -19.23
C ASP B 37 -3.12 7.79 -19.02
N PRO B 38 -3.13 8.59 -20.09
CA PRO B 38 -2.67 9.99 -19.97
C PRO B 38 -3.44 10.77 -18.92
N ALA B 39 -4.72 10.46 -18.75
CA ALA B 39 -5.56 11.12 -17.74
C ALA B 39 -5.09 10.79 -16.33
N PHE B 40 -4.61 9.56 -16.12
CA PHE B 40 -4.08 9.22 -14.80
C PHE B 40 -2.69 9.84 -14.59
N GLN B 41 -1.88 9.81 -15.63
CA GLN B 41 -0.52 10.38 -15.56
C GLN B 41 -0.62 11.86 -15.16
N LEU B 42 -1.60 12.56 -15.73
CA LEU B 42 -1.82 13.97 -15.39
C LEU B 42 -2.34 14.09 -13.95
N LEU B 43 -3.31 13.25 -13.60
CA LEU B 43 -3.89 13.27 -12.26
C LEU B 43 -2.81 13.06 -11.20
N TYR B 44 -1.96 12.08 -11.41
CA TYR B 44 -0.89 11.79 -10.45
C TYR B 44 0.04 13.00 -10.28
N GLU B 45 0.44 13.61 -11.38
CA GLU B 45 1.27 14.80 -11.34
C GLU B 45 0.60 15.92 -10.56
N LYS B 46 -0.70 16.09 -10.79
N LYS B 46 -0.70 16.09 -10.81
CA LYS B 46 -1.45 17.14 -10.10
CA LYS B 46 -1.49 17.10 -10.12
C LYS B 46 -1.66 16.86 -8.62
C LYS B 46 -1.56 16.85 -8.62
N VAL B 47 -1.69 15.58 -8.25
CA VAL B 47 -1.77 15.18 -6.83
C VAL B 47 -0.45 15.48 -6.13
N VAL B 48 0.66 15.20 -6.80
CA VAL B 48 1.97 15.57 -6.24
C VAL B 48 2.07 17.09 -6.09
N ASP B 49 1.59 17.82 -7.09
CA ASP B 49 1.56 19.29 -7.04
C ASP B 49 0.75 19.79 -5.84
N LYS B 50 -0.41 19.18 -5.59
CA LYS B 50 -1.25 19.56 -4.45
C LYS B 50 -0.53 19.27 -3.14
N ALA B 51 0.15 18.11 -3.09
CA ALA B 51 0.91 17.77 -1.90
C ALA B 51 2.06 18.76 -1.69
N GLN B 52 2.71 19.16 -2.79
CA GLN B 52 3.80 20.12 -2.69
C GLN B 52 3.26 21.43 -2.13
N LYS B 53 2.11 21.87 -2.64
CA LYS B 53 1.50 23.12 -2.14
C LYS B 53 1.13 23.00 -0.65
N ALA B 54 0.49 21.89 -0.28
CA ALA B 54 0.12 21.63 1.12
C ALA B 54 1.32 21.61 2.03
N MET B 55 2.44 21.07 1.54
CA MET B 55 3.64 20.92 2.36
C MET B 55 4.55 22.14 2.29
N ARG B 56 4.11 23.17 1.56
CA ARG B 56 4.91 24.39 1.33
C ARG B 56 6.33 24.06 0.85
N LEU B 57 6.45 23.03 0.01
CA LEU B 57 7.74 22.50 -0.39
C LEU B 57 8.32 23.23 -1.59
N SER B 58 9.64 23.43 -1.58
CA SER B 58 10.33 24.05 -2.71
C SER B 58 10.54 23.06 -3.86
N ASN B 59 10.51 21.78 -3.55
CA ASN B 59 10.68 20.71 -4.56
C ASN B 59 9.57 19.67 -4.43
N LYS B 60 9.57 18.63 -5.26
CA LYS B 60 8.43 17.72 -5.27
C LYS B 60 8.49 16.78 -4.09
N PRO B 61 7.37 16.60 -3.36
CA PRO B 61 7.35 15.53 -2.37
C PRO B 61 7.24 14.20 -3.11
N VAL B 62 7.72 13.14 -2.48
CA VAL B 62 7.60 11.80 -3.05
C VAL B 62 6.40 11.11 -2.41
N ILE B 63 5.55 10.50 -3.22
CA ILE B 63 4.50 9.66 -2.67
C ILE B 63 4.99 8.22 -2.78
N LEU B 64 5.00 7.52 -1.65
CA LEU B 64 5.32 6.09 -1.66
C LEU B 64 4.05 5.31 -1.38
N HIS B 65 3.99 4.09 -1.92
CA HIS B 65 2.74 3.36 -1.97
C HIS B 65 2.63 2.31 -0.87
N GLY B 66 2.79 2.81 0.35
CA GLY B 66 2.54 2.04 1.56
C GLY B 66 2.29 3.07 2.64
N GLU B 67 1.75 2.63 3.77
CA GLU B 67 1.49 3.58 4.84
CA GLU B 67 1.51 3.54 4.88
C GLU B 67 2.85 4.05 5.43
N PRO B 68 2.85 5.18 6.16
CA PRO B 68 4.15 5.79 6.49
C PRO B 68 5.25 5.00 7.20
N VAL B 69 4.97 3.85 7.82
CA VAL B 69 6.08 2.98 8.25
C VAL B 69 7.03 2.68 7.09
N LEU B 70 6.48 2.58 5.87
CA LEU B 70 7.32 2.40 4.68
C LEU B 70 8.28 3.58 4.52
N GLY B 71 7.75 4.79 4.63
CA GLY B 71 8.58 5.99 4.53
C GLY B 71 9.71 5.99 5.55
N LEU B 72 9.39 5.61 6.78
CA LEU B 72 10.38 5.67 7.85
C LEU B 72 11.46 4.60 7.67
N GLU B 73 11.05 3.36 7.35
CA GLU B 73 12.02 2.32 7.08
C GLU B 73 12.89 2.64 5.84
N ALA B 74 12.26 3.11 4.78
CA ALA B 74 12.99 3.46 3.55
C ALA B 74 13.98 4.59 3.79
N ALA B 75 13.59 5.57 4.61
CA ALA B 75 14.47 6.68 4.96
C ALA B 75 15.72 6.19 5.71
N ALA B 76 15.52 5.38 6.74
CA ALA B 76 16.65 4.75 7.43
C ALA B 76 17.54 3.97 6.45
N ALA B 77 16.91 3.12 5.64
CA ALA B 77 17.67 2.24 4.76
C ALA B 77 18.45 2.99 3.69
N SER B 78 17.96 4.15 3.30
CA SER B 78 18.54 4.91 2.20
C SER B 78 19.51 5.97 2.66
N LEU B 79 19.16 6.67 3.74
CA LEU B 79 19.94 7.82 4.17
C LEU B 79 21.05 7.41 5.13
N ILE B 80 20.81 6.39 5.95
CA ILE B 80 21.79 6.01 6.97
C ILE B 80 22.65 4.88 6.43
N SER B 81 23.95 5.12 6.39
CA SER B 81 24.94 4.08 6.09
C SER B 81 25.92 3.88 7.25
N PRO B 82 26.70 2.79 7.23
CA PRO B 82 27.55 2.50 8.40
C PRO B 82 28.60 3.52 8.78
N ASP B 83 28.96 4.42 7.86
CA ASP B 83 29.85 5.56 8.15
C ASP B 83 29.15 6.61 9.02
N ASP B 84 27.83 6.64 8.99
CA ASP B 84 27.09 7.67 9.74
C ASP B 84 27.10 7.41 11.22
N VAL B 85 27.09 8.50 12.00
CA VAL B 85 26.82 8.41 13.43
C VAL B 85 25.44 9.03 13.62
N VAL B 86 24.48 8.24 14.10
CA VAL B 86 23.11 8.70 14.22
C VAL B 86 22.82 9.14 15.64
N LEU B 87 22.23 10.33 15.79
CA LEU B 87 21.63 10.76 17.06
C LEU B 87 20.12 10.61 16.95
N ASN B 88 19.57 9.65 17.69
CA ASN B 88 18.13 9.44 17.71
C ASN B 88 17.55 10.11 18.95
N LEU B 89 16.49 10.88 18.75
CA LEU B 89 15.79 11.55 19.85
C LEU B 89 14.51 10.77 20.14
N ALA B 90 14.36 10.31 21.38
CA ALA B 90 13.26 9.42 21.76
C ALA B 90 12.50 9.99 22.96
N SER B 91 11.25 10.36 22.74
CA SER B 91 10.35 10.77 23.83
C SER B 91 9.07 9.93 23.81
N GLY B 92 9.11 8.83 23.07
CA GLY B 92 7.94 7.96 23.01
C GLY B 92 8.20 6.78 22.11
N VAL B 93 7.12 6.06 21.81
CA VAL B 93 7.16 4.79 21.10
C VAL B 93 7.81 4.88 19.73
N TYR B 94 7.35 5.83 18.92
CA TYR B 94 7.87 5.95 17.55
C TYR B 94 9.29 6.48 17.52
N GLY B 95 9.55 7.49 18.33
CA GLY B 95 10.91 8.01 18.49
C GLY B 95 11.90 6.91 18.86
N LYS B 96 11.58 6.13 19.90
CA LYS B 96 12.47 5.05 20.31
C LYS B 96 12.58 4.00 19.20
N GLY B 97 11.44 3.67 18.61
CA GLY B 97 11.39 2.67 17.54
C GLY B 97 12.27 3.04 16.36
N PHE B 98 12.38 4.32 16.05
CA PHE B 98 13.17 4.69 14.88
C PHE B 98 14.63 4.32 15.11
N GLY B 99 15.10 4.40 16.35
CA GLY B 99 16.47 4.01 16.69
C GLY B 99 16.82 2.58 16.32
N TYR B 100 15.83 1.68 16.37
CA TYR B 100 16.00 0.29 15.96
CA TYR B 100 16.05 0.29 15.98
C TYR B 100 16.34 0.17 14.47
N TRP B 101 15.63 0.95 13.65
CA TRP B 101 15.96 1.00 12.22
C TRP B 101 17.30 1.69 11.96
N ALA B 102 17.58 2.76 12.72
CA ALA B 102 18.88 3.42 12.58
C ALA B 102 20.00 2.39 12.83
N LYS B 103 19.88 1.62 13.91
CA LYS B 103 20.90 0.65 14.27
C LYS B 103 21.04 -0.50 13.26
N ARG B 104 19.97 -0.78 12.53
CA ARG B 104 20.02 -1.76 11.47
C ARG B 104 20.96 -1.29 10.33
N TYR B 105 21.03 0.02 10.15
CA TYR B 105 21.74 0.59 8.99
C TYR B 105 23.08 1.28 9.32
N SER B 106 23.31 1.50 10.61
CA SER B 106 24.63 1.94 11.09
C SER B 106 24.86 1.45 12.52
N PRO B 107 26.08 0.96 12.81
CA PRO B 107 26.33 0.48 14.19
C PRO B 107 26.51 1.62 15.21
N HIS B 108 26.56 2.85 14.71
CA HIS B 108 26.87 4.01 15.56
C HIS B 108 25.60 4.77 15.89
N LEU B 109 25.14 4.60 17.13
CA LEU B 109 23.90 5.21 17.59
C LEU B 109 24.10 5.88 18.94
N LEU B 110 23.83 7.18 18.97
CA LEU B 110 23.72 7.94 20.20
C LEU B 110 22.24 8.28 20.35
N GLU B 111 21.78 8.46 21.58
CA GLU B 111 20.38 8.78 21.83
CA GLU B 111 20.38 8.75 21.83
C GLU B 111 20.21 9.77 22.98
N ILE B 112 19.19 10.62 22.84
CA ILE B 112 18.68 11.42 23.95
C ILE B 112 17.30 10.86 24.18
N GLU B 113 17.05 10.39 25.40
CA GLU B 113 15.78 9.78 25.76
C GLU B 113 15.20 10.51 26.95
N VAL B 114 13.91 10.79 26.87
CA VAL B 114 13.12 11.32 28.01
C VAL B 114 11.93 10.40 28.26
N PRO B 115 11.38 10.38 29.49
CA PRO B 115 10.18 9.59 29.76
C PRO B 115 9.06 9.93 28.78
N TYR B 116 8.15 8.96 28.60
CA TYR B 116 7.17 9.01 27.51
C TYR B 116 5.97 9.91 27.77
N ASN B 117 6.11 10.85 28.71
CA ASN B 117 5.18 11.97 28.80
C ASN B 117 5.86 13.33 28.62
N GLU B 118 7.15 13.31 28.27
CA GLU B 118 7.94 14.55 28.15
C GLU B 118 8.28 14.88 26.69
N ALA B 119 8.84 16.07 26.50
CA ALA B 119 9.39 16.45 25.20
C ALA B 119 10.92 16.54 25.30
N ILE B 120 11.57 16.34 24.17
CA ILE B 120 13.01 16.52 24.06
C ILE B 120 13.37 18.01 24.30
N ASP B 121 14.41 18.25 25.08
CA ASP B 121 14.86 19.59 25.44
C ASP B 121 15.86 20.07 24.37
N PRO B 122 15.53 21.16 23.66
CA PRO B 122 16.48 21.63 22.65
C PRO B 122 17.87 21.97 23.21
N GLN B 123 17.95 22.38 24.48
CA GLN B 123 19.27 22.63 25.08
C GLN B 123 20.11 21.35 25.18
N ALA B 124 19.43 20.24 25.47
CA ALA B 124 20.09 18.94 25.53
C ALA B 124 20.60 18.55 24.14
N VAL B 125 19.79 18.83 23.12
CA VAL B 125 20.19 18.57 21.74
C VAL B 125 21.43 19.40 21.36
N ALA B 126 21.40 20.70 21.66
CA ALA B 126 22.54 21.55 21.35
C ALA B 126 23.83 21.04 22.01
N ASP B 127 23.71 20.65 23.28
CA ASP B 127 24.84 20.20 24.08
C ASP B 127 25.40 18.90 23.51
N MET B 128 24.49 18.01 23.09
CA MET B 128 24.89 16.70 22.57
C MET B 128 25.63 16.84 21.24
N LEU B 129 25.08 17.67 20.36
CA LEU B 129 25.71 17.97 19.07
C LEU B 129 27.09 18.60 19.26
N LYS B 130 27.20 19.51 20.23
CA LYS B 130 28.47 20.14 20.55
CA LYS B 130 28.49 20.12 20.49
C LYS B 130 29.52 19.11 20.99
N ALA B 131 29.09 18.18 21.85
CA ALA B 131 29.98 17.18 22.43
C ALA B 131 30.37 16.09 21.42
N HIS B 132 29.59 16.00 20.34
CA HIS B 132 29.75 14.91 19.36
C HIS B 132 29.78 15.40 17.92
N PRO B 133 30.90 16.04 17.50
CA PRO B 133 31.04 16.50 16.10
C PRO B 133 30.85 15.40 15.07
N GLU B 134 31.04 14.15 15.48
CA GLU B 134 30.92 13.02 14.58
C GLU B 134 29.48 12.71 14.15
N ILE B 135 28.48 13.28 14.84
CA ILE B 135 27.07 13.04 14.46
C ILE B 135 26.83 13.55 13.05
N THR B 136 26.25 12.69 12.19
CA THR B 136 25.95 13.07 10.81
C THR B 136 24.45 13.00 10.48
N VAL B 137 23.69 12.28 11.28
CA VAL B 137 22.24 12.14 11.04
C VAL B 137 21.50 12.24 12.36
N VAL B 138 20.42 13.03 12.39
CA VAL B 138 19.60 13.14 13.59
C VAL B 138 18.15 12.82 13.23
N SER B 139 17.51 12.00 14.06
CA SER B 139 16.11 11.60 13.83
C SER B 139 15.21 12.03 15.00
N VAL B 140 14.01 12.47 14.67
CA VAL B 140 13.08 12.99 15.67
C VAL B 140 11.65 12.75 15.24
N CYS B 141 10.78 12.53 16.22
CA CYS B 141 9.36 12.38 16.00
C CYS B 141 8.66 13.66 16.45
N HIS B 142 7.84 14.24 15.58
CA HIS B 142 7.11 15.48 15.92
C HIS B 142 6.00 15.26 16.94
N HIS B 143 5.04 14.41 16.60
CA HIS B 143 3.98 14.01 17.51
C HIS B 143 4.15 12.52 17.70
N ASP B 144 4.63 12.14 18.88
CA ASP B 144 4.75 10.73 19.19
C ASP B 144 3.40 10.25 19.69
N THR B 145 2.61 9.76 18.73
CA THR B 145 1.16 9.59 18.91
C THR B 145 0.76 8.82 20.18
N PRO B 146 1.40 7.68 20.47
CA PRO B 146 1.03 6.92 21.69
C PRO B 146 1.21 7.66 23.01
N SER B 147 1.81 8.86 22.97
CA SER B 147 1.97 9.73 24.15
C SER B 147 1.17 11.03 24.08
N GLY B 148 0.69 11.38 22.88
CA GLY B 148 -0.03 12.65 22.70
C GLY B 148 0.81 13.87 23.02
N THR B 149 2.11 13.80 22.78
CA THR B 149 3.06 14.89 23.07
C THR B 149 3.78 15.36 21.82
N ILE B 150 4.25 16.61 21.88
CA ILE B 150 4.88 17.28 20.75
C ILE B 150 6.33 17.68 21.07
N ASN B 151 7.25 17.37 20.15
CA ASN B 151 8.63 17.86 20.27
C ASN B 151 8.84 19.15 19.47
N PRO B 152 9.74 20.02 19.95
CA PRO B 152 9.98 21.31 19.28
C PRO B 152 10.89 21.14 18.07
N ILE B 153 10.34 20.57 17.00
CA ILE B 153 11.18 20.14 15.89
C ILE B 153 11.79 21.29 15.10
N ASP B 154 11.16 22.47 15.12
CA ASP B 154 11.75 23.58 14.34
C ASP B 154 13.06 24.06 14.96
N ALA B 155 13.08 24.25 16.29
CA ALA B 155 14.32 24.62 16.97
C ALA B 155 15.35 23.49 16.85
N ILE B 156 14.89 22.25 17.04
CA ILE B 156 15.80 21.11 16.92
C ILE B 156 16.41 21.05 15.52
N GLY B 157 15.60 21.25 14.49
CA GLY B 157 16.07 21.22 13.09
C GLY B 157 17.11 22.29 12.77
N ALA B 158 16.93 23.46 13.36
CA ALA B 158 17.90 24.53 13.19
C ALA B 158 19.24 24.20 13.85
N LEU B 159 19.20 23.58 15.03
CA LEU B 159 20.42 23.16 15.70
C LEU B 159 21.14 22.10 14.87
N VAL B 160 20.34 21.18 14.30
CA VAL B 160 20.90 20.10 13.50
C VAL B 160 21.53 20.64 12.22
N SER B 161 20.85 21.60 11.59
CA SER B 161 21.37 22.24 10.39
C SER B 161 22.69 22.98 10.68
N ALA B 162 22.72 23.68 11.81
CA ALA B 162 23.94 24.40 12.23
C ALA B 162 25.11 23.43 12.43
N HIS B 163 24.82 22.28 13.03
CA HIS B 163 25.81 21.23 13.25
C HIS B 163 26.35 20.65 11.95
N GLY B 164 25.52 20.60 10.91
CA GLY B 164 25.89 20.10 9.59
C GLY B 164 25.35 18.70 9.31
N ALA B 165 24.44 18.23 10.18
CA ALA B 165 23.88 16.88 10.06
C ALA B 165 22.60 16.85 9.23
N TYR B 166 22.21 15.66 8.78
CA TYR B 166 20.92 15.46 8.13
C TYR B 166 19.85 15.29 9.19
N LEU B 167 18.64 15.78 8.93
CA LEU B 167 17.53 15.59 9.85
C LEU B 167 16.44 14.72 9.23
N ILE B 168 16.03 13.69 9.96
CA ILE B 168 14.87 12.86 9.57
C ILE B 168 13.77 13.17 10.56
N VAL B 169 12.62 13.60 10.03
CA VAL B 169 11.48 13.97 10.88
C VAL B 169 10.28 13.10 10.59
N ASP B 170 9.68 12.54 11.65
CA ASP B 170 8.42 11.82 11.57
C ASP B 170 7.30 12.80 11.96
N ALA B 171 6.52 13.23 10.97
CA ALA B 171 5.37 14.11 11.19
C ALA B 171 4.05 13.45 10.76
N VAL B 172 4.00 12.13 10.93
CA VAL B 172 2.83 11.35 10.51
C VAL B 172 1.52 11.84 11.13
N SER B 173 1.55 12.12 12.43
CA SER B 173 0.32 12.44 13.13
C SER B 173 0.24 13.91 13.54
N SER B 174 1.07 14.75 12.90
CA SER B 174 1.04 16.18 13.14
C SER B 174 0.71 16.97 11.88
N PHE B 175 1.28 16.56 10.73
CA PHE B 175 1.04 17.31 9.51
C PHE B 175 -0.46 17.42 9.18
N GLY B 176 -0.89 18.65 8.84
CA GLY B 176 -2.29 18.92 8.50
C GLY B 176 -3.16 19.25 9.70
N GLY B 177 -2.65 19.05 10.91
CA GLY B 177 -3.41 19.33 12.13
C GLY B 177 -2.81 20.45 12.99
N MET B 178 -1.64 20.94 12.59
CA MET B 178 -0.95 22.04 13.28
C MET B 178 0.06 22.59 12.29
N LYS B 179 0.61 23.76 12.58
CA LYS B 179 1.61 24.35 11.68
C LYS B 179 2.89 23.51 11.70
N THR B 180 3.19 22.88 10.57
CA THR B 180 4.44 22.16 10.40
C THR B 180 4.62 21.84 8.93
N HIS B 181 5.86 21.97 8.46
CA HIS B 181 6.25 21.79 7.06
C HIS B 181 7.71 21.44 7.02
N PRO B 182 8.15 20.66 6.01
CA PRO B 182 9.57 20.34 5.88
C PRO B 182 10.50 21.55 6.07
N GLU B 183 10.17 22.66 5.38
N GLU B 183 10.20 22.68 5.44
CA GLU B 183 10.95 23.91 5.46
CA GLU B 183 11.14 23.78 5.51
C GLU B 183 11.12 24.41 6.89
C GLU B 183 10.99 24.67 6.78
N ASP B 184 10.02 24.37 7.63
CA ASP B 184 9.94 24.95 8.99
C ASP B 184 11.03 24.41 9.90
N CYS B 185 11.37 23.13 9.71
CA CYS B 185 12.28 22.42 10.60
C CYS B 185 13.57 21.97 9.88
N LYS B 186 13.82 22.51 8.68
CA LYS B 186 15.03 22.19 7.92
C LYS B 186 15.19 20.66 7.74
N ALA B 187 14.08 20.00 7.46
CA ALA B 187 14.08 18.53 7.32
C ALA B 187 14.80 18.12 6.04
N ASP B 188 15.63 17.09 6.16
CA ASP B 188 16.20 16.43 4.99
C ASP B 188 15.27 15.34 4.48
N ILE B 189 14.68 14.58 5.41
CA ILE B 189 13.56 13.73 5.06
CA ILE B 189 13.58 13.67 5.11
C ILE B 189 12.45 14.03 6.06
N TYR B 190 11.27 14.32 5.53
CA TYR B 190 10.10 14.63 6.35
C TYR B 190 9.00 13.66 5.96
N VAL B 191 8.67 12.74 6.87
CA VAL B 191 7.72 11.67 6.55
C VAL B 191 6.37 11.99 7.16
N THR B 192 5.36 11.99 6.30
CA THR B 192 4.00 12.04 6.78
C THR B 192 3.08 11.20 5.89
N GLY B 193 1.78 11.33 6.09
CA GLY B 193 0.83 10.57 5.28
C GLY B 193 -0.54 11.20 5.49
N PRO B 194 -1.52 10.74 4.72
CA PRO B 194 -2.87 11.34 4.84
C PRO B 194 -3.79 10.67 5.85
N ASN B 195 -3.29 9.69 6.60
CA ASN B 195 -4.15 8.81 7.38
C ASN B 195 -4.33 9.21 8.84
N LYS B 196 -3.85 10.40 9.22
CA LYS B 196 -4.13 10.93 10.55
C LYS B 196 -4.95 12.20 10.36
N CYS B 197 -4.34 13.38 10.45
CA CYS B 197 -5.11 14.63 10.39
C CYS B 197 -5.79 14.92 9.05
N LEU B 198 -5.27 14.36 7.96
CA LEU B 198 -5.84 14.64 6.64
C LEU B 198 -7.12 13.87 6.29
N GLY B 199 -7.50 12.90 7.12
CA GLY B 199 -8.81 12.30 7.03
C GLY B 199 -8.97 11.30 5.89
N ALA B 200 -7.87 10.68 5.47
CA ALA B 200 -7.90 9.56 4.50
C ALA B 200 -7.54 8.22 5.20
N PRO B 201 -7.83 7.08 4.55
CA PRO B 201 -7.43 5.81 5.18
C PRO B 201 -5.91 5.55 5.03
N PRO B 202 -5.40 4.51 5.71
CA PRO B 202 -3.99 4.17 5.57
C PRO B 202 -3.64 3.59 4.21
N GLY B 203 -2.48 3.96 3.69
CA GLY B 203 -2.04 3.31 2.44
C GLY B 203 -0.97 4.05 1.68
N LEU B 204 -0.83 5.36 1.95
CA LEU B 204 0.17 6.18 1.27
C LEU B 204 1.10 6.92 2.22
N THR B 205 2.26 7.26 1.68
CA THR B 205 3.30 8.08 2.36
C THR B 205 3.56 9.33 1.53
N MET B 206 3.64 10.47 2.21
CA MET B 206 4.01 11.74 1.59
C MET B 206 5.34 12.14 2.20
N MET B 207 6.37 12.29 1.38
CA MET B 207 7.73 12.48 1.89
C MET B 207 8.41 13.70 1.29
N GLY B 208 8.77 14.65 2.15
CA GLY B 208 9.62 15.77 1.74
C GLY B 208 11.07 15.27 1.71
N VAL B 209 11.78 15.57 0.61
CA VAL B 209 13.18 15.14 0.50
C VAL B 209 14.02 16.33 0.07
N SER B 210 15.03 16.69 0.87
CA SER B 210 15.90 17.81 0.51
C SER B 210 16.83 17.43 -0.64
N GLU B 211 17.27 18.44 -1.40
CA GLU B 211 18.29 18.18 -2.43
C GLU B 211 19.53 17.46 -1.85
N ARG B 212 19.96 17.86 -0.64
CA ARG B 212 21.11 17.20 -0.01
C ARG B 212 20.84 15.72 0.30
N ALA B 213 19.63 15.43 0.76
CA ALA B 213 19.24 14.05 1.01
C ALA B 213 19.23 13.23 -0.27
N TRP B 214 18.71 13.81 -1.35
CA TRP B 214 18.72 13.11 -2.65
C TRP B 214 20.13 12.69 -3.03
N ALA B 215 21.09 13.61 -2.89
CA ALA B 215 22.48 13.32 -3.26
C ALA B 215 23.08 12.24 -2.36
N LYS B 216 22.77 12.29 -1.07
CA LYS B 216 23.31 11.29 -0.15
C LYS B 216 22.74 9.91 -0.47
N MET B 217 21.42 9.83 -0.68
CA MET B 217 20.77 8.54 -0.94
C MET B 217 21.23 7.95 -2.27
N LYS B 218 21.33 8.80 -3.30
CA LYS B 218 21.70 8.31 -4.63
C LYS B 218 23.17 7.85 -4.69
N ALA B 219 24.00 8.40 -3.82
CA ALA B 219 25.40 8.00 -3.73
C ALA B 219 25.61 6.66 -3.01
N ASN B 220 24.68 6.32 -2.11
CA ASN B 220 24.88 5.23 -1.17
C ASN B 220 24.67 3.86 -1.85
N PRO B 221 25.74 3.03 -1.98
CA PRO B 221 25.58 1.70 -2.57
C PRO B 221 24.57 0.82 -1.86
N LEU B 222 24.36 1.08 -0.58
CA LEU B 222 23.43 0.28 0.21
C LEU B 222 21.98 0.76 0.21
N ALA B 223 21.71 1.90 -0.44
CA ALA B 223 20.33 2.39 -0.49
C ALA B 223 19.44 1.45 -1.34
N PRO B 224 18.25 1.09 -0.84
CA PRO B 224 17.40 0.20 -1.66
C PRO B 224 17.08 0.73 -3.07
N ARG B 225 17.27 -0.16 -4.05
CA ARG B 225 16.90 0.07 -5.45
CA ARG B 225 16.89 0.07 -5.44
C ARG B 225 16.21 -1.20 -5.93
N ALA B 226 15.26 -1.04 -6.86
CA ALA B 226 14.43 -2.17 -7.28
C ALA B 226 13.87 -2.89 -6.04
N SER B 227 13.20 -2.11 -5.20
CA SER B 227 12.72 -2.60 -3.91
C SER B 227 11.53 -1.77 -3.46
N MET B 228 10.63 -2.39 -2.70
CA MET B 228 9.56 -1.67 -2.03
C MET B 228 10.12 -0.56 -1.15
N LEU B 229 11.32 -0.80 -0.61
CA LEU B 229 11.96 0.14 0.29
C LEU B 229 12.70 1.26 -0.43
N SER B 230 12.60 1.32 -1.76
CA SER B 230 13.37 2.32 -2.52
C SER B 230 12.68 3.69 -2.59
N ILE B 231 13.40 4.72 -2.15
CA ILE B 231 12.99 6.08 -2.35
C ILE B 231 13.58 6.53 -3.68
N VAL B 232 14.82 6.13 -3.94
CA VAL B 232 15.54 6.65 -5.11
C VAL B 232 14.83 6.27 -6.41
N ASP B 233 14.21 5.08 -6.43
CA ASP B 233 13.49 4.63 -7.64
C ASP B 233 12.36 5.58 -8.02
N TRP B 234 11.79 6.28 -7.03
CA TRP B 234 10.58 7.10 -7.20
C TRP B 234 10.84 8.59 -7.48
N GLU B 235 12.11 8.97 -7.61
CA GLU B 235 12.47 10.39 -7.74
C GLU B 235 11.70 11.15 -8.83
N ASN B 236 11.51 10.53 -9.99
CA ASN B 236 10.92 11.21 -11.15
C ASN B 236 9.50 10.78 -11.47
N ALA B 237 8.93 9.90 -10.63
CA ALA B 237 7.61 9.30 -10.90
C ALA B 237 6.44 10.28 -10.84
N TRP B 238 6.67 11.47 -10.28
CA TRP B 238 5.62 12.48 -10.23
C TRP B 238 5.23 12.96 -11.63
N SER B 239 6.16 12.84 -12.57
CA SER B 239 5.98 13.43 -13.89
C SER B 239 5.11 12.59 -14.82
N ARG B 240 4.15 13.26 -15.46
CA ARG B 240 3.24 12.61 -16.43
C ARG B 240 3.98 11.92 -17.58
N ASP B 241 5.25 12.28 -17.79
CA ASP B 241 6.06 11.72 -18.87
C ASP B 241 7.00 10.61 -18.40
N LYS B 242 6.82 10.17 -17.16
CA LYS B 242 7.70 9.19 -16.54
CA LYS B 242 7.71 9.19 -16.55
C LYS B 242 6.94 7.97 -16.07
N PRO B 243 7.61 6.80 -16.07
CA PRO B 243 6.91 5.59 -15.59
C PRO B 243 6.88 5.48 -14.06
N PHE B 244 6.14 4.50 -13.57
CA PHE B 244 6.05 4.19 -12.15
C PHE B 244 6.91 2.98 -11.86
N PRO B 245 7.76 3.04 -10.84
CA PRO B 245 8.59 1.87 -10.49
C PRO B 245 7.76 0.59 -10.30
N PHE B 246 6.60 0.73 -9.67
CA PHE B 246 5.59 -0.34 -9.65
C PHE B 246 4.22 0.32 -9.64
N THR B 247 3.15 -0.48 -9.67
CA THR B 247 1.81 0.07 -9.85
C THR B 247 1.36 0.90 -8.65
N PRO B 248 1.02 2.18 -8.89
CA PRO B 248 0.52 3.00 -7.78
C PRO B 248 -0.84 2.54 -7.26
N SER B 249 -1.13 2.87 -6.00
CA SER B 249 -2.40 2.52 -5.38
C SER B 249 -3.44 3.51 -5.88
N VAL B 250 -4.01 3.21 -7.05
CA VAL B 250 -4.83 4.18 -7.77
C VAL B 250 -6.00 4.72 -6.94
N SER B 251 -6.69 3.86 -6.20
CA SER B 251 -7.85 4.33 -5.43
C SER B 251 -7.40 5.17 -4.25
N GLU B 252 -6.28 4.80 -3.64
CA GLU B 252 -5.71 5.63 -2.56
C GLU B 252 -5.32 7.01 -3.08
N ILE B 253 -4.83 7.07 -4.32
CA ILE B 253 -4.48 8.36 -4.93
C ILE B 253 -5.74 9.21 -5.14
N ASN B 254 -6.85 8.56 -5.53
CA ASN B 254 -8.13 9.27 -5.63
C ASN B 254 -8.56 9.84 -4.28
N GLY B 255 -8.36 9.06 -3.22
CA GLY B 255 -8.67 9.52 -1.85
C GLY B 255 -7.79 10.68 -1.44
N LEU B 256 -6.49 10.57 -1.73
CA LEU B 256 -5.53 11.63 -1.40
C LEU B 256 -5.85 12.93 -2.13
N ASP B 257 -6.21 12.80 -3.40
CA ASP B 257 -6.60 13.94 -4.21
C ASP B 257 -7.71 14.74 -3.51
N VAL B 258 -8.76 14.03 -3.06
CA VAL B 258 -9.86 14.67 -2.35
C VAL B 258 -9.39 15.25 -1.01
N ALA B 259 -8.62 14.49 -0.25
CA ALA B 259 -8.15 14.95 1.06
C ALA B 259 -7.37 16.26 0.93
N LEU B 260 -6.51 16.33 -0.08
CA LEU B 260 -5.74 17.56 -0.30
C LEU B 260 -6.62 18.74 -0.72
N ASP B 261 -7.60 18.48 -1.58
CA ASP B 261 -8.59 19.51 -1.94
C ASP B 261 -9.29 20.07 -0.70
N LEU B 262 -9.76 19.18 0.17
CA LEU B 262 -10.47 19.61 1.38
C LEU B 262 -9.60 20.53 2.23
N TYR B 263 -8.36 20.09 2.45
CA TYR B 263 -7.40 20.82 3.26
C TYR B 263 -7.08 22.19 2.67
N LEU B 264 -6.70 22.22 1.39
CA LEU B 264 -6.36 23.48 0.74
C LEU B 264 -7.55 24.44 0.61
N ASN B 265 -8.73 23.89 0.34
CA ASN B 265 -9.92 24.73 0.18
C ASN B 265 -10.40 25.33 1.50
N GLU B 266 -10.33 24.54 2.57
CA GLU B 266 -10.70 25.06 3.89
C GLU B 266 -9.74 26.14 4.36
N GLY B 267 -8.45 25.99 4.03
CA GLY B 267 -7.40 26.90 4.52
C GLY B 267 -6.65 26.21 5.66
N PRO B 268 -5.38 25.86 5.41
CA PRO B 268 -4.60 25.16 6.43
C PRO B 268 -4.66 25.83 7.81
N GLU B 269 -4.52 27.16 7.87
CA GLU B 269 -4.57 27.83 9.18
CA GLU B 269 -4.58 27.87 9.16
C GLU B 269 -5.89 27.58 9.91
N ALA B 270 -7.01 27.64 9.17
CA ALA B 270 -8.34 27.39 9.75
C ALA B 270 -8.45 25.94 10.23
N VAL B 271 -7.89 25.03 9.44
CA VAL B 271 -7.87 23.63 9.84
C VAL B 271 -7.06 23.42 11.14
N TRP B 272 -5.86 23.98 11.21
CA TRP B 272 -5.05 23.87 12.43
C TRP B 272 -5.81 24.46 13.64
N ALA B 273 -6.48 25.60 13.42
CA ALA B 273 -7.23 26.24 14.52
C ALA B 273 -8.27 25.31 15.15
N ARG B 274 -9.03 24.59 14.33
CA ARG B 274 -10.08 23.73 14.89
C ARG B 274 -9.54 22.45 15.54
N HIS B 275 -8.40 21.95 15.07
CA HIS B 275 -7.72 20.86 15.78
C HIS B 275 -7.35 21.38 17.18
N ALA B 276 -6.66 22.53 17.22
CA ALA B 276 -6.17 23.08 18.48
C ALA B 276 -7.29 23.43 19.47
N LEU B 277 -8.38 23.99 18.96
CA LEU B 277 -9.54 24.30 19.81
C LEU B 277 -10.22 23.05 20.37
N THR B 278 -10.37 22.03 19.52
CA THR B 278 -10.99 20.79 19.95
C THR B 278 -10.15 20.17 21.08
N ALA B 279 -8.85 20.14 20.88
CA ALA B 279 -7.92 19.61 21.87
C ALA B 279 -7.90 20.41 23.18
N LYS B 280 -7.87 21.74 23.04
CA LYS B 280 -7.88 22.64 24.19
C LYS B 280 -9.14 22.43 25.03
N ALA B 281 -10.29 22.30 24.36
CA ALA B 281 -11.55 22.05 25.05
C ALA B 281 -11.50 20.68 25.74
N MET B 282 -10.95 19.70 25.03
CA MET B 282 -10.78 18.36 25.58
C MET B 282 -9.97 18.38 26.88
N ARG B 283 -8.80 19.02 26.84
CA ARG B 283 -7.92 19.07 28.02
C ARG B 283 -8.57 19.77 29.19
N ALA B 284 -9.25 20.88 28.92
CA ALA B 284 -9.96 21.63 29.96
C ALA B 284 -11.00 20.72 30.63
N GLY B 285 -11.72 19.94 29.83
CA GLY B 285 -12.77 19.07 30.35
C GLY B 285 -12.21 17.93 31.18
N VAL B 286 -11.11 17.35 30.69
CA VAL B 286 -10.42 16.26 31.39
C VAL B 286 -10.01 16.74 32.77
N THR B 287 -9.33 17.89 32.82
CA THR B 287 -8.85 18.40 34.09
C THR B 287 -10.01 18.77 35.04
N ALA B 288 -11.03 19.44 34.51
CA ALA B 288 -12.15 19.89 35.34
C ALA B 288 -12.96 18.75 35.93
N MET B 289 -13.03 17.61 35.24
CA MET B 289 -13.80 16.50 35.81
C MET B 289 -13.02 15.70 36.85
N GLY B 290 -11.71 15.95 36.93
CA GLY B 290 -10.88 15.29 37.94
C GLY B 290 -9.86 14.29 37.42
N LEU B 291 -9.64 14.28 36.11
CA LEU B 291 -8.62 13.41 35.52
C LEU B 291 -7.35 14.19 35.21
N SER B 292 -6.28 13.50 34.84
CA SER B 292 -5.02 14.16 34.49
C SER B 292 -4.64 13.94 33.04
N VAL B 293 -4.27 15.04 32.37
CA VAL B 293 -3.64 14.95 31.06
C VAL B 293 -2.30 14.26 31.24
N TRP B 294 -1.98 13.34 30.34
CA TRP B 294 -0.74 12.57 30.43
C TRP B 294 0.52 13.44 30.27
N ALA B 295 0.48 14.37 29.32
CA ALA B 295 1.63 15.22 29.02
C ALA B 295 2.15 15.89 30.29
N ALA B 296 3.47 15.92 30.44
CA ALA B 296 4.13 16.54 31.60
C ALA B 296 3.75 18.00 31.79
N SER B 297 3.45 18.68 30.68
CA SER B 297 2.92 20.04 30.72
C SER B 297 1.90 20.25 29.62
N ASP B 298 0.96 21.16 29.86
CA ASP B 298 -0.04 21.50 28.86
C ASP B 298 0.60 21.98 27.57
N SER B 299 1.73 22.67 27.72
CA SER B 299 2.41 23.28 26.57
C SER B 299 2.89 22.27 25.49
N ILE B 300 3.13 21.03 25.92
CA ILE B 300 3.61 19.99 24.99
C ILE B 300 2.52 19.02 24.55
N ALA B 301 1.31 19.23 25.05
CA ALA B 301 0.17 18.40 24.66
C ALA B 301 -0.18 18.62 23.19
N SER B 302 -0.39 17.52 22.46
CA SER B 302 -0.70 17.62 21.06
C SER B 302 -2.08 18.23 20.77
N PRO B 303 -2.15 19.12 19.74
CA PRO B 303 -3.47 19.60 19.32
C PRO B 303 -4.25 18.55 18.49
N THR B 304 -3.64 17.39 18.25
CA THR B 304 -4.26 16.35 17.42
C THR B 304 -4.59 15.06 18.18
N THR B 305 -4.22 15.01 19.46
CA THR B 305 -4.54 13.85 20.32
C THR B 305 -4.42 14.27 21.77
N THR B 306 -5.42 13.92 22.57
CA THR B 306 -5.37 14.12 24.01
C THR B 306 -5.17 12.77 24.66
N ALA B 307 -4.03 12.60 25.30
CA ALA B 307 -3.76 11.40 26.08
C ALA B 307 -4.14 11.67 27.53
N VAL B 308 -4.94 10.78 28.10
CA VAL B 308 -5.46 10.94 29.46
C VAL B 308 -4.88 9.83 30.33
N ARG B 309 -4.19 10.22 31.41
CA ARG B 309 -3.58 9.23 32.30
C ARG B 309 -4.65 8.36 32.96
N THR B 310 -4.41 7.05 32.97
CA THR B 310 -5.31 6.14 33.65
C THR B 310 -5.14 6.30 35.16
N PRO B 311 -6.25 6.53 35.90
CA PRO B 311 -6.11 6.58 37.36
C PRO B 311 -5.52 5.28 37.86
N ASP B 312 -4.58 5.36 38.80
CA ASP B 312 -3.96 4.15 39.34
C ASP B 312 -5.06 3.23 39.83
N GLY B 313 -5.03 1.97 39.41
CA GLY B 313 -6.05 1.05 39.87
C GLY B 313 -7.13 0.77 38.85
N VAL B 314 -7.33 1.69 37.90
CA VAL B 314 -8.33 1.49 36.85
C VAL B 314 -7.77 0.59 35.76
N ASP B 315 -8.60 -0.33 35.27
CA ASP B 315 -8.21 -1.22 34.18
C ASP B 315 -8.47 -0.49 32.85
N GLU B 316 -7.42 -0.04 32.18
CA GLU B 316 -7.58 0.84 31.01
C GLU B 316 -8.24 0.11 29.84
N LYS B 317 -7.91 -1.17 29.67
CA LYS B 317 -8.54 -1.96 28.61
C LYS B 317 -10.04 -2.07 28.87
N ALA B 318 -10.43 -2.38 30.10
CA ALA B 318 -11.85 -2.50 30.42
C ALA B 318 -12.58 -1.18 30.27
N LEU B 319 -11.88 -0.10 30.58
CA LEU B 319 -12.39 1.26 30.39
C LEU B 319 -12.81 1.53 28.93
N ARG B 320 -11.91 1.26 27.99
CA ARG B 320 -12.20 1.46 26.57
C ARG B 320 -13.31 0.54 26.12
N GLN B 321 -13.29 -0.69 26.60
CA GLN B 321 -14.36 -1.64 26.29
C GLN B 321 -15.69 -1.12 26.77
N ALA B 322 -15.71 -0.54 27.98
CA ALA B 322 -16.93 0.07 28.53
C ALA B 322 -17.41 1.28 27.74
N ALA B 323 -16.49 2.17 27.34
CA ALA B 323 -16.87 3.35 26.55
C ALA B 323 -17.55 2.94 25.23
N ARG B 324 -17.05 1.88 24.61
CA ARG B 324 -17.66 1.41 23.37
C ARG B 324 -18.97 0.68 23.64
N ALA B 325 -19.00 -0.21 24.63
CA ALA B 325 -20.19 -0.98 24.92
C ALA B 325 -21.35 -0.15 25.47
N ARG B 326 -21.05 0.84 26.30
CA ARG B 326 -22.11 1.70 26.87
C ARG B 326 -22.56 2.81 25.95
N TYR B 327 -21.61 3.45 25.27
CA TYR B 327 -21.88 4.74 24.60
C TYR B 327 -21.59 4.70 23.11
N GLY B 328 -21.02 3.59 22.63
CA GLY B 328 -20.69 3.46 21.20
C GLY B 328 -19.55 4.34 20.73
N VAL B 329 -18.70 4.75 21.67
CA VAL B 329 -17.58 5.64 21.37
C VAL B 329 -16.27 4.89 21.51
N VAL B 330 -15.44 4.98 20.46
CA VAL B 330 -14.18 4.22 20.41
C VAL B 330 -12.99 5.15 20.66
N PHE B 331 -12.17 4.78 21.65
CA PHE B 331 -10.93 5.48 21.94
C PHE B 331 -9.74 4.59 21.61
N SER B 332 -8.55 5.17 21.52
CA SER B 332 -7.33 4.38 21.32
C SER B 332 -6.72 4.03 22.67
N SER B 333 -6.15 2.83 22.74
CA SER B 333 -5.23 2.49 23.81
C SER B 333 -3.92 3.23 23.63
N GLY B 334 -2.99 3.03 24.56
CA GLY B 334 -1.60 3.37 24.33
C GLY B 334 -0.97 2.34 23.37
N ARG B 335 0.33 2.42 23.21
CA ARG B 335 1.05 1.45 22.39
C ARG B 335 2.37 1.20 23.08
N GLY B 336 2.90 -0.01 22.99
CA GLY B 336 4.20 -0.28 23.58
C GLY B 336 4.26 0.13 25.04
N GLU B 337 5.22 0.97 25.39
CA GLU B 337 5.37 1.38 26.79
C GLU B 337 4.27 2.31 27.31
N THR B 338 3.35 2.78 26.45
CA THR B 338 2.21 3.54 27.01
C THR B 338 0.94 2.69 27.14
N LEU B 339 0.99 1.44 26.66
CA LEU B 339 -0.17 0.58 26.75
C LEU B 339 -0.48 0.29 28.23
N GLY B 340 -1.74 0.53 28.61
CA GLY B 340 -2.21 0.38 29.99
C GLY B 340 -2.04 1.60 30.87
N LYS B 341 -1.25 2.59 30.41
CA LYS B 341 -0.93 3.80 31.18
C LYS B 341 -1.86 4.97 30.93
N LEU B 342 -2.51 4.96 29.76
CA LEU B 342 -3.29 6.11 29.30
C LEU B 342 -4.32 5.71 28.24
N THR B 343 -5.28 6.59 28.01
CA THR B 343 -6.30 6.41 26.96
C THR B 343 -6.13 7.60 26.01
N ARG B 344 -6.29 7.37 24.70
CA ARG B 344 -6.11 8.48 23.75
C ARG B 344 -7.39 8.81 23.01
N ILE B 345 -7.68 10.11 22.92
CA ILE B 345 -8.80 10.63 22.16
C ILE B 345 -8.20 11.47 21.04
N GLY B 346 -8.44 11.03 19.81
CA GLY B 346 -7.89 11.75 18.65
C GLY B 346 -8.74 12.97 18.33
N HIS B 347 -8.09 14.01 17.79
CA HIS B 347 -8.79 15.17 17.24
C HIS B 347 -8.11 15.34 15.92
N MET B 348 -8.66 14.67 14.91
CA MET B 348 -7.96 14.53 13.64
C MET B 348 -8.91 14.66 12.47
N GLY B 349 -8.65 15.62 11.59
CA GLY B 349 -9.47 15.77 10.39
C GLY B 349 -10.93 15.87 10.73
N PRO B 350 -11.74 14.90 10.28
CA PRO B 350 -13.18 14.96 10.51
C PRO B 350 -13.58 14.98 11.99
N THR B 351 -12.73 14.44 12.88
CA THR B 351 -13.04 14.45 14.32
C THR B 351 -12.52 15.71 15.04
N ALA B 352 -11.83 16.58 14.31
CA ALA B 352 -11.34 17.84 14.89
C ALA B 352 -12.42 18.92 14.81
N GLN B 353 -13.51 18.67 15.52
CA GLN B 353 -14.59 19.62 15.69
C GLN B 353 -14.91 19.62 17.18
N PRO B 354 -15.02 20.80 17.78
CA PRO B 354 -15.22 20.83 19.24
C PRO B 354 -16.38 19.99 19.82
N ILE B 355 -17.51 19.88 19.11
CA ILE B 355 -18.62 19.05 19.62
C ILE B 355 -18.20 17.58 19.89
N TYR B 356 -17.21 17.09 19.14
CA TYR B 356 -16.69 15.73 19.39
C TYR B 356 -15.92 15.62 20.72
N ALA B 357 -15.28 16.71 21.15
CA ALA B 357 -14.65 16.73 22.46
C ALA B 357 -15.70 16.52 23.55
N ILE B 358 -16.87 17.12 23.36
CA ILE B 358 -17.99 16.97 24.30
C ILE B 358 -18.44 15.51 24.38
N ALA B 359 -18.64 14.87 23.23
CA ALA B 359 -19.02 13.48 23.18
C ALA B 359 -17.94 12.61 23.83
N ALA B 360 -16.68 12.88 23.49
CA ALA B 360 -15.56 12.11 24.08
C ALA B 360 -15.51 12.25 25.59
N LEU B 361 -15.68 13.48 26.10
CA LEU B 361 -15.62 13.71 27.54
C LEU B 361 -16.69 12.93 28.28
N THR B 362 -17.89 12.92 27.71
CA THR B 362 -19.02 12.25 28.36
C THR B 362 -18.82 10.73 28.39
N ALA B 363 -18.38 10.15 27.28
CA ALA B 363 -18.15 8.71 27.24
C ALA B 363 -16.95 8.30 28.13
N LEU B 364 -15.89 9.09 28.10
CA LEU B 364 -14.73 8.84 28.98
C LEU B 364 -15.11 8.95 30.46
N GLY B 365 -15.79 10.04 30.82
CA GLY B 365 -16.26 10.22 32.21
C GLY B 365 -17.21 9.12 32.64
N GLY B 366 -18.17 8.78 31.77
CA GLY B 366 -19.14 7.73 32.06
C GLY B 366 -18.48 6.39 32.31
N ALA B 367 -17.50 6.05 31.48
CA ALA B 367 -16.76 4.80 31.62
C ALA B 367 -15.91 4.78 32.90
N MET B 368 -15.30 5.91 33.23
CA MET B 368 -14.49 6.03 34.44
C MET B 368 -15.36 5.87 35.68
N ASN B 369 -16.52 6.52 35.66
CA ASN B 369 -17.41 6.44 36.80
C ASN B 369 -18.00 5.03 36.95
N ALA B 370 -18.18 4.33 35.82
CA ALA B 370 -18.60 2.93 35.86
C ALA B 370 -17.55 2.06 36.53
N ALA B 371 -16.28 2.47 36.42
CA ALA B 371 -15.16 1.75 37.05
C ALA B 371 -14.94 2.19 38.49
N GLY B 372 -15.88 2.97 39.03
CA GLY B 372 -15.82 3.39 40.43
C GLY B 372 -15.18 4.73 40.71
N ARG B 373 -14.78 5.47 39.68
CA ARG B 373 -14.28 6.82 39.92
C ARG B 373 -15.47 7.72 40.25
N LYS B 374 -15.20 8.91 40.73
CA LYS B 374 -16.27 9.83 41.12
C LYS B 374 -16.01 11.18 40.47
N LEU B 375 -15.91 11.16 39.16
CA LEU B 375 -15.59 12.36 38.38
C LEU B 375 -16.75 13.31 38.31
N ALA B 376 -16.44 14.59 38.20
CA ALA B 376 -17.44 15.65 38.06
C ALA B 376 -17.69 15.86 36.57
N ILE B 377 -18.46 14.97 35.97
CA ILE B 377 -18.62 15.00 34.51
C ILE B 377 -19.24 16.32 34.03
N GLY B 378 -20.33 16.74 34.68
CA GLY B 378 -20.97 18.03 34.36
C GLY B 378 -19.99 19.21 34.35
N LYS B 379 -19.14 19.27 35.38
CA LYS B 379 -18.09 20.27 35.51
C LYS B 379 -17.14 20.20 34.32
N GLY B 380 -16.74 18.98 33.95
CA GLY B 380 -15.90 18.76 32.77
C GLY B 380 -16.52 19.30 31.48
N ILE B 381 -17.79 18.99 31.26
CA ILE B 381 -18.49 19.49 30.05
C ILE B 381 -18.55 21.01 30.04
N GLU B 382 -18.88 21.59 31.19
CA GLU B 382 -18.97 23.04 31.31
C GLU B 382 -17.64 23.73 31.04
N ALA B 383 -16.53 23.15 31.52
CA ALA B 383 -15.19 23.68 31.26
C ALA B 383 -14.83 23.60 29.78
N ALA B 384 -15.17 22.46 29.15
CA ALA B 384 -14.94 22.34 27.72
C ALA B 384 -15.75 23.36 26.92
N LEU B 385 -17.02 23.52 27.29
CA LEU B 385 -17.88 24.47 26.62
C LEU B 385 -17.39 25.90 26.79
N ALA B 386 -16.90 26.23 27.99
CA ALA B 386 -16.33 27.56 28.24
C ALA B 386 -15.18 27.87 27.27
N VAL B 387 -14.32 26.88 27.02
CA VAL B 387 -13.21 27.06 26.05
C VAL B 387 -13.77 27.35 24.68
N ILE B 388 -14.77 26.57 24.26
CA ILE B 388 -15.38 26.77 22.96
C ILE B 388 -15.97 28.17 22.86
N ASP B 389 -16.72 28.55 23.89
CA ASP B 389 -17.43 29.82 23.89
C ASP B 389 -16.48 31.03 23.98
N ALA B 390 -15.29 30.80 24.56
CA ALA B 390 -14.27 31.86 24.73
C ALA B 390 -13.47 32.11 23.47
N ASP B 391 -13.47 31.15 22.54
CA ASP B 391 -12.57 31.21 21.40
C ASP B 391 -12.82 32.46 20.61
N ALA B 392 -11.75 33.22 20.41
CA ALA B 392 -11.82 34.52 19.75
C ALA B 392 -11.51 34.35 18.28
S SO4 C . 1.23 -4.88 -16.61
O1 SO4 C . 0.75 -4.44 -15.30
O2 SO4 C . 0.14 -5.56 -17.32
O3 SO4 C . 1.58 -3.69 -17.37
O4 SO4 C . 2.35 -5.77 -16.49
S SO4 D . 9.72 -15.76 13.84
O1 SO4 D . 9.86 -15.76 15.29
O2 SO4 D . 8.38 -16.25 13.50
O3 SO4 D . 9.89 -14.37 13.37
O4 SO4 D . 10.75 -16.60 13.24
N1 PXM E . 3.73 -10.13 -11.71
C2 PXM E . 2.99 -9.89 -12.81
C2A PXM E . 2.88 -11.02 -13.83
C3 PXM E . 2.35 -8.67 -12.97
O3 PXM E . 1.60 -8.43 -14.08
C4 PXM E . 2.48 -7.68 -11.99
C5 PXM E . 3.27 -7.99 -10.87
C5A PXM E . 3.52 -7.05 -9.70
O5 PXM E . 2.28 -6.75 -9.09
C6 PXM E . 3.88 -9.23 -10.78
C4A PXM E . 1.79 -6.32 -12.16
N4 PXM E . 2.12 -5.77 -13.49
C1 GOL F . -2.37 -23.80 -31.64
O1 GOL F . -1.95 -24.15 -30.34
C2 GOL F . -1.27 -23.11 -32.45
O2 GOL F . -1.12 -23.69 -33.72
C3 GOL F . -1.55 -21.63 -32.69
O3 GOL F . -2.67 -21.49 -33.54
C1 GOL G . 11.04 -7.92 -10.77
O1 GOL G . 9.67 -7.73 -10.51
C2 GOL G . 11.88 -6.77 -10.23
O2 GOL G . 12.15 -5.85 -11.26
C3 GOL G . 13.19 -7.29 -9.66
O3 GOL G . 14.20 -7.23 -10.63
S SO4 H . -1.30 4.98 16.90
O1 SO4 H . -2.08 6.17 17.22
O2 SO4 H . -1.54 4.69 15.48
O3 SO4 H . 0.08 5.29 17.16
O4 SO4 H . -1.81 3.90 17.73
S SO4 I . -20.62 -9.27 20.78
O1 SO4 I . -20.39 -8.86 19.39
O2 SO4 I . -22.03 -9.58 20.98
O3 SO4 I . -19.81 -10.45 21.06
O4 SO4 I . -20.25 -8.18 21.71
S SO4 J . -4.35 8.77 40.34
O1 SO4 J . -3.76 9.07 41.65
O2 SO4 J . -5.72 8.32 40.50
O3 SO4 J . -4.35 9.99 39.53
O4 SO4 J . -3.52 7.74 39.70
N1 PXM K . 4.78 7.58 13.13
C2 PXM K . 3.79 7.90 13.97
C2A PXM K . 4.04 9.05 14.95
C3 PXM K . 2.55 7.23 13.93
O3 PXM K . 1.53 7.56 14.76
C4 PXM K . 2.38 6.19 13.00
C5 PXM K . 3.46 5.89 12.17
C5A PXM K . 3.41 4.80 11.12
O5 PXM K . 2.39 5.15 10.19
C6 PXM K . 4.65 6.59 12.27
C4A PXM K . 1.04 5.42 12.92
N4 PXM K . 0.74 4.86 14.26
C1 GOL L . 2.35 24.66 31.51
O1 GOL L . 2.36 24.33 30.14
C2 GOL L . 2.03 23.40 32.30
O2 GOL L . 2.79 23.30 33.49
C3 GOL L . 0.56 23.34 32.64
O3 GOL L . 0.27 21.98 32.82
C1 GOL M . 9.44 1.77 14.55
O1 GOL M . 8.59 2.50 13.67
C2 GOL M . 9.65 0.37 13.97
O2 GOL M . 8.90 -0.56 14.74
C3 GOL M . 11.12 0.00 14.01
O3 GOL M . 11.47 -0.54 15.26
#